data_8C5L
#
_entry.id   8C5L
#
_cell.length_a   170.383
_cell.length_b   170.383
_cell.length_c   83.667
_cell.angle_alpha   90.000
_cell.angle_beta   90.000
_cell.angle_gamma   120.000
#
_symmetry.space_group_name_H-M   'P 61'
#
loop_
_entity.id
_entity.type
_entity.pdbx_description
1 polymer 'Maltose/maltodextrin-binding periplasmic protein,Nuclear receptor subfamily 2 group F member 6'
2 polymer 'Histone-lysine N-methyltransferase, H3 lysine-36 specific'
3 branched alpha-D-glucopyranose-(1-4)-alpha-D-glucopyranose
4 water water
#
loop_
_entity_poly.entity_id
_entity_poly.type
_entity_poly.pdbx_seq_one_letter_code
_entity_poly.pdbx_strand_id
1 'polypeptide(L)'
;GKIEEGKLVIWINGDKGYNGLAEVGKKFEKDTGIKVTVEHPDKLEEKFPQVAATGDGPDIIFWAHDRFGGYAQSGLLAEI
TPAAAFQDKLYPFTWDAVRYNGKLIAYPIAVEALSLIYNKDLLPNPPKTWEEIPALDKELKAKGKSALMFNLQEPYFTWP
LIAADGGYAFKYAAGKYDIKDVGVDNAGAKAGLTFLVDLIKNKHMNADTDYSIAEAAFNKGETAMTINGPWAWSNIDTSA
VNYGVTVLPTFKGQPSKPFVGVLSAGINAASPNKELAKEFLENYLLTDEGLEAVNKDKPLGAVALKSYEEELAKDPRIAA
TMENAQKGEIMPNIPQMSAFWYAVRTAVINAASGRQTVDAALAAAQTNAAAEFIDNVCELAARLLFSTVEWARHAPFFPE
LPVADQVALLRLSWSELFVLNAAQAALPLHTAPLLAAAGLHAAPMAAERAVAFMDQVRAFQEQVDKLGRLQVDSAEYGCL
KAIALFTPDACGLSDPAHVESLQEKAQVALTEYVRAQYPSQPQRFGRLLLRLPALRAVPASLISQLFFMRLVGKTPIETL
IRDMLLSG
;
A,B
2 'polypeptide(L)' DYKFSTLLMMLKDMHDSKT C,D
#
loop_
_chem_comp.id
_chem_comp.type
_chem_comp.name
_chem_comp.formula
GLC D-saccharide, alpha linking alpha-D-glucopyranose 'C6 H12 O6'
#
# COMPACT_ATOMS: atom_id res chain seq x y z
N LYS A 2 16.73 -26.78 32.15
CA LYS A 2 17.88 -26.12 31.57
C LYS A 2 18.37 -26.84 30.29
N ILE A 3 19.12 -26.12 29.47
CA ILE A 3 19.54 -26.61 28.16
C ILE A 3 21.03 -26.92 28.22
N GLU A 4 21.40 -28.07 27.65
CA GLU A 4 22.77 -28.54 27.67
C GLU A 4 23.66 -27.79 26.69
N GLU A 5 24.87 -27.48 27.15
CA GLU A 5 25.89 -26.79 26.38
C GLU A 5 26.82 -27.82 25.74
N GLY A 6 27.27 -27.53 24.53
CA GLY A 6 28.16 -28.41 23.80
C GLY A 6 27.47 -29.33 22.82
N LYS A 7 26.17 -29.14 22.59
CA LYS A 7 25.41 -29.93 21.65
C LYS A 7 24.24 -29.09 21.16
N LEU A 8 23.54 -29.60 20.14
CA LEU A 8 22.40 -28.92 19.57
C LEU A 8 21.19 -29.84 19.59
N VAL A 9 20.08 -29.33 20.12
CA VAL A 9 18.79 -30.01 20.07
C VAL A 9 17.88 -29.21 19.15
N ILE A 10 17.30 -29.89 18.17
CA ILE A 10 16.51 -29.24 17.13
C ILE A 10 15.12 -29.86 17.13
N TRP A 11 14.09 -29.01 17.06
CA TRP A 11 12.71 -29.44 16.93
C TRP A 11 12.16 -29.00 15.59
N ILE A 12 11.60 -29.95 14.85
CA ILE A 12 11.00 -29.67 13.55
C ILE A 12 9.73 -30.51 13.45
N ASN A 13 8.76 -29.99 12.71
CA ASN A 13 7.47 -30.71 12.62
C ASN A 13 7.70 -32.10 12.03
N GLY A 14 6.77 -33.00 12.30
CA GLY A 14 6.88 -34.38 11.85
C GLY A 14 6.50 -34.62 10.40
N ASP A 15 5.78 -33.69 9.78
CA ASP A 15 5.55 -33.83 8.34
C ASP A 15 6.72 -33.33 7.50
N LYS A 16 7.74 -32.74 8.14
CA LYS A 16 8.93 -32.28 7.44
C LYS A 16 10.00 -33.38 7.40
N GLY A 17 11.10 -33.08 6.71
CA GLY A 17 12.14 -34.07 6.50
C GLY A 17 13.20 -34.08 7.60
N TYR A 18 12.81 -34.52 8.80
CA TYR A 18 13.75 -34.49 9.93
C TYR A 18 14.91 -35.45 9.75
N ASN A 19 14.73 -36.52 8.95
CA ASN A 19 15.83 -37.45 8.74
C ASN A 19 16.90 -36.84 7.84
N GLY A 20 16.48 -36.12 6.79
CA GLY A 20 17.45 -35.34 6.03
C GLY A 20 18.16 -34.32 6.88
N LEU A 21 17.42 -33.64 7.77
CA LEU A 21 18.04 -32.66 8.66
C LEU A 21 19.02 -33.32 9.62
N ALA A 22 18.68 -34.51 10.14
CA ALA A 22 19.58 -35.21 11.03
C ALA A 22 20.86 -35.62 10.31
N GLU A 23 20.78 -35.83 8.99
CA GLU A 23 21.96 -36.11 8.20
C GLU A 23 22.90 -34.92 8.17
N VAL A 24 22.34 -33.72 8.01
CA VAL A 24 23.14 -32.50 8.13
C VAL A 24 23.76 -32.42 9.52
N GLY A 25 23.01 -32.82 10.55
CA GLY A 25 23.54 -32.88 11.90
C GLY A 25 24.72 -33.83 12.02
N LYS A 26 24.65 -34.99 11.35
CA LYS A 26 25.76 -35.93 11.40
C LYS A 26 27.00 -35.34 10.71
N LYS A 27 26.81 -34.65 9.58
CA LYS A 27 27.95 -33.98 8.95
C LYS A 27 28.53 -32.92 9.87
N PHE A 28 27.68 -32.15 10.55
CA PHE A 28 28.15 -31.15 11.50
C PHE A 28 28.94 -31.80 12.63
N GLU A 29 28.39 -32.88 13.21
CA GLU A 29 29.11 -33.63 14.24
C GLU A 29 30.44 -34.17 13.73
N LYS A 30 30.47 -34.61 12.48
CA LYS A 30 31.72 -35.20 11.93
C LYS A 30 32.79 -34.11 11.89
N ASP A 31 32.42 -32.91 11.43
CA ASP A 31 33.40 -31.83 11.28
C ASP A 31 33.76 -31.18 12.62
N THR A 32 32.78 -31.05 13.52
CA THR A 32 33.02 -30.27 14.77
C THR A 32 32.98 -31.09 16.05
N GLY A 33 32.53 -32.34 16.00
CA GLY A 33 32.39 -33.13 17.21
C GLY A 33 31.20 -32.77 18.07
N ILE A 34 30.34 -31.88 17.59
CA ILE A 34 29.18 -31.41 18.35
C ILE A 34 27.99 -32.29 17.99
N LYS A 35 27.40 -32.93 19.00
CA LYS A 35 26.25 -33.79 18.77
C LYS A 35 25.02 -32.96 18.41
N VAL A 36 24.31 -33.38 17.36
CA VAL A 36 23.10 -32.72 16.90
C VAL A 36 21.97 -33.75 16.96
N THR A 37 20.99 -33.47 17.82
CA THR A 37 19.84 -34.38 17.99
C THR A 37 18.57 -33.69 17.47
N VAL A 38 17.96 -34.26 16.43
CA VAL A 38 16.73 -33.74 15.84
C VAL A 38 15.54 -34.49 16.41
N GLU A 39 14.48 -33.77 16.77
CA GLU A 39 13.29 -34.38 17.31
C GLU A 39 12.07 -33.75 16.66
N HIS A 40 10.98 -34.53 16.55
CA HIS A 40 9.72 -34.07 15.97
C HIS A 40 8.57 -34.29 16.95
N PRO A 41 8.53 -33.54 18.05
CA PRO A 41 7.42 -33.68 19.01
C PRO A 41 6.07 -33.28 18.43
N ASP A 42 5.01 -33.86 19.00
CA ASP A 42 3.65 -33.48 18.67
C ASP A 42 3.34 -32.07 19.16
N LYS A 43 2.50 -31.38 18.39
CA LYS A 43 2.00 -30.05 18.73
C LYS A 43 3.10 -29.15 19.28
N LEU A 44 4.23 -29.13 18.56
CA LEU A 44 5.41 -28.42 19.06
C LEU A 44 5.26 -26.91 18.97
N GLU A 45 4.40 -26.41 18.08
CA GLU A 45 4.13 -24.98 18.05
C GLU A 45 3.48 -24.50 19.35
N GLU A 46 2.82 -25.40 20.06
CA GLU A 46 2.31 -25.17 21.42
C GLU A 46 3.33 -25.58 22.47
N LYS A 47 4.06 -26.67 22.22
CA LYS A 47 5.02 -27.18 23.21
C LYS A 47 6.15 -26.20 23.43
N PHE A 48 6.74 -25.68 22.35
CA PHE A 48 7.90 -24.80 22.45
C PHE A 48 7.69 -23.59 23.34
N PRO A 49 6.62 -22.79 23.18
CA PRO A 49 6.45 -21.64 24.09
C PRO A 49 6.24 -22.07 25.53
N GLN A 50 5.73 -23.27 25.75
CA GLN A 50 5.43 -23.71 27.14
C GLN A 50 6.75 -24.01 27.85
N VAL A 51 7.63 -24.77 27.21
CA VAL A 51 8.88 -25.16 27.81
C VAL A 51 9.92 -24.04 27.72
N ALA A 52 9.89 -23.25 26.63
CA ALA A 52 10.87 -22.18 26.51
C ALA A 52 10.61 -21.06 27.50
N ALA A 53 9.36 -20.92 27.96
CA ALA A 53 9.07 -19.92 28.98
C ALA A 53 9.84 -20.19 30.28
N THR A 54 10.16 -21.46 30.54
CA THR A 54 10.86 -21.82 31.75
C THR A 54 12.36 -21.98 31.53
N GLY A 55 12.88 -21.53 30.38
CA GLY A 55 14.28 -21.69 30.07
C GLY A 55 14.68 -23.04 29.53
N ASP A 56 13.70 -23.81 29.07
CA ASP A 56 14.01 -25.17 28.57
C ASP A 56 13.68 -25.24 27.08
N GLY A 57 13.72 -26.45 26.52
CA GLY A 57 13.41 -26.66 25.12
C GLY A 57 14.63 -26.84 24.23
N PRO A 58 14.40 -26.90 22.91
CA PRO A 58 15.50 -27.13 21.98
C PRO A 58 16.34 -25.87 21.80
N ASP A 59 17.50 -26.05 21.16
CA ASP A 59 18.31 -24.88 20.83
C ASP A 59 17.77 -24.18 19.59
N ILE A 60 17.27 -24.95 18.64
CA ILE A 60 16.72 -24.44 17.38
C ILE A 60 15.31 -24.99 17.21
N ILE A 61 14.39 -24.11 16.84
CA ILE A 61 13.00 -24.47 16.58
C ILE A 61 12.70 -24.15 15.12
N PHE A 62 12.11 -25.12 14.42
CA PHE A 62 11.67 -24.97 13.05
C PHE A 62 10.15 -24.85 13.00
N TRP A 63 9.65 -23.82 12.34
CA TRP A 63 8.22 -23.68 12.08
C TRP A 63 8.05 -22.60 11.02
N ALA A 64 6.85 -22.53 10.46
CA ALA A 64 6.49 -21.41 9.60
C ALA A 64 6.59 -20.11 10.38
N HIS A 65 6.84 -19.01 9.66
CA HIS A 65 7.20 -17.76 10.30
C HIS A 65 6.08 -17.15 11.12
N ASP A 66 4.85 -17.61 10.90
CA ASP A 66 3.68 -16.97 11.57
C ASP A 66 3.74 -17.05 13.09
N ARG A 67 4.35 -18.08 13.65
CA ARG A 67 4.31 -18.23 15.13
C ARG A 67 5.55 -17.62 15.77
N PHE A 68 6.39 -16.95 15.00
CA PHE A 68 7.68 -16.47 15.56
C PHE A 68 7.54 -15.08 16.17
N GLY A 69 6.69 -14.21 15.62
CA GLY A 69 6.47 -12.93 16.25
C GLY A 69 5.92 -13.07 17.66
N GLY A 70 4.98 -14.01 17.85
CA GLY A 70 4.53 -14.33 19.19
C GLY A 70 5.66 -14.79 20.09
N TYR A 71 6.49 -15.73 19.60
CA TYR A 71 7.64 -16.21 20.35
C TYR A 71 8.58 -15.06 20.73
N ALA A 72 8.89 -14.19 19.79
CA ALA A 72 9.80 -13.07 20.07
C ALA A 72 9.18 -12.09 21.05
N GLN A 73 7.87 -11.85 20.95
N GLN A 73 7.87 -11.87 20.97
CA GLN A 73 7.22 -11.00 21.94
CA GLN A 73 7.22 -10.99 21.96
C GLN A 73 7.41 -11.56 23.34
C GLN A 73 7.44 -11.57 23.35
N SER A 74 7.25 -12.87 23.50
CA SER A 74 7.42 -13.55 24.78
C SER A 74 8.87 -13.69 25.21
N GLY A 75 9.82 -13.14 24.46
CA GLY A 75 11.21 -13.21 24.87
C GLY A 75 11.87 -14.56 24.71
N LEU A 76 11.27 -15.46 23.94
CA LEU A 76 11.75 -16.83 23.79
C LEU A 76 12.78 -17.01 22.68
N LEU A 77 13.00 -16.01 21.83
CA LEU A 77 13.85 -16.18 20.66
C LEU A 77 15.06 -15.25 20.72
N ALA A 78 16.21 -15.80 20.39
CA ALA A 78 17.41 -14.98 20.25
C ALA A 78 17.37 -14.21 18.94
N GLU A 79 17.71 -12.92 19.00
CA GLU A 79 17.93 -12.16 17.78
C GLU A 79 19.15 -12.73 17.05
N ILE A 80 18.98 -13.05 15.77
CA ILE A 80 20.08 -13.55 14.95
C ILE A 80 20.77 -12.37 14.29
N THR A 81 22.05 -12.52 13.98
CA THR A 81 22.86 -11.43 13.42
C THR A 81 23.79 -11.96 12.34
N PRO A 82 23.24 -12.35 11.19
CA PRO A 82 24.11 -12.75 10.08
C PRO A 82 24.77 -11.53 9.45
N ALA A 83 26.02 -11.70 9.03
CA ALA A 83 26.71 -10.67 8.27
C ALA A 83 25.95 -10.36 6.98
N ALA A 84 26.17 -9.16 6.46
CA ALA A 84 25.49 -8.77 5.22
C ALA A 84 25.79 -9.75 4.10
N ALA A 85 27.01 -10.28 4.06
CA ALA A 85 27.40 -11.23 3.02
C ALA A 85 26.53 -12.47 3.04
N PHE A 86 26.16 -12.94 4.25
CA PHE A 86 25.27 -14.09 4.33
C PHE A 86 23.84 -13.73 3.94
N GLN A 87 23.35 -12.59 4.43
CA GLN A 87 21.98 -12.18 4.12
C GLN A 87 21.75 -12.08 2.63
N ASP A 88 22.78 -11.71 1.88
CA ASP A 88 22.61 -11.51 0.43
C ASP A 88 22.41 -12.87 -0.25
N LYS A 89 22.75 -13.96 0.43
CA LYS A 89 22.53 -15.28 -0.16
C LYS A 89 21.05 -15.69 -0.15
N LEU A 90 20.20 -15.00 0.60
CA LEU A 90 18.80 -15.33 0.74
C LEU A 90 17.94 -14.22 0.13
N TYR A 91 16.80 -14.62 -0.43
CA TYR A 91 15.89 -13.66 -1.05
C TYR A 91 15.37 -12.67 0.00
N PRO A 92 15.39 -11.36 -0.29
CA PRO A 92 14.91 -10.36 0.68
C PRO A 92 13.52 -10.61 1.24
N PHE A 93 12.55 -11.05 0.42
CA PHE A 93 11.22 -11.20 0.98
C PHE A 93 11.16 -12.32 2.04
N THR A 94 12.09 -13.26 2.01
CA THR A 94 12.14 -14.25 3.09
C THR A 94 12.66 -13.65 4.39
N TRP A 95 13.61 -12.71 4.29
CA TRP A 95 14.06 -11.99 5.48
C TRP A 95 12.93 -11.15 6.08
N ASP A 96 12.07 -10.57 5.23
CA ASP A 96 10.92 -9.82 5.72
C ASP A 96 10.01 -10.69 6.59
N ALA A 97 9.86 -11.97 6.22
CA ALA A 97 8.94 -12.84 6.95
C ALA A 97 9.39 -13.12 8.37
N VAL A 98 10.69 -13.04 8.64
CA VAL A 98 11.28 -13.32 9.94
C VAL A 98 11.81 -12.05 10.61
N ARG A 99 11.35 -10.88 10.18
CA ARG A 99 11.70 -9.62 10.83
C ARG A 99 10.55 -9.17 11.72
N TYR A 100 10.86 -8.83 12.97
CA TYR A 100 9.84 -8.44 13.96
C TYR A 100 10.38 -7.29 14.80
N ASN A 101 9.65 -6.16 14.80
CA ASN A 101 10.11 -4.89 15.37
C ASN A 101 11.53 -4.56 14.92
N GLY A 102 11.77 -4.71 13.62
CA GLY A 102 13.07 -4.41 13.06
C GLY A 102 14.16 -5.40 13.39
N LYS A 103 13.85 -6.50 14.08
CA LYS A 103 14.86 -7.47 14.47
C LYS A 103 14.61 -8.81 13.78
N LEU A 104 15.64 -9.34 13.13
CA LEU A 104 15.60 -10.69 12.58
C LEU A 104 15.58 -11.69 13.73
N ILE A 105 14.60 -12.58 13.71
CA ILE A 105 14.41 -13.50 14.86
C ILE A 105 14.42 -14.96 14.40
N ALA A 106 14.80 -15.21 13.14
CA ALA A 106 14.90 -16.59 12.68
C ALA A 106 15.58 -16.60 11.34
N TYR A 107 16.15 -17.75 10.99
CA TYR A 107 16.70 -17.95 9.66
C TYR A 107 15.63 -18.50 8.73
N PRO A 108 15.32 -17.84 7.62
CA PRO A 108 14.33 -18.39 6.69
C PRO A 108 14.92 -19.53 5.88
N ILE A 109 14.11 -20.56 5.64
CA ILE A 109 14.54 -21.79 4.99
C ILE A 109 13.84 -22.00 3.65
N ALA A 110 12.51 -21.95 3.65
CA ALA A 110 11.80 -22.28 2.43
C ALA A 110 10.39 -21.71 2.45
N VAL A 111 9.86 -21.47 1.26
CA VAL A 111 8.51 -20.94 1.06
C VAL A 111 7.61 -22.12 0.70
N GLU A 112 6.54 -22.27 1.48
CA GLU A 112 5.63 -23.40 1.28
C GLU A 112 4.23 -22.88 1.04
N ALA A 113 3.54 -23.42 0.04
CA ALA A 113 2.16 -23.06 -0.24
C ALA A 113 1.43 -24.30 -0.70
N LEU A 114 0.13 -24.34 -0.38
CA LEU A 114 -0.71 -25.46 -0.76
C LEU A 114 -0.99 -25.42 -2.25
N SER A 115 -1.00 -26.59 -2.88
CA SER A 115 -1.41 -26.71 -4.27
C SER A 115 -2.49 -27.79 -4.40
N LEU A 116 -3.14 -27.81 -5.56
CA LEU A 116 -4.04 -28.89 -5.92
C LEU A 116 -3.21 -30.06 -6.44
N ILE A 117 -3.19 -31.16 -5.71
CA ILE A 117 -2.55 -32.38 -6.14
C ILE A 117 -3.63 -33.33 -6.65
N TYR A 118 -3.45 -33.86 -7.87
CA TYR A 118 -4.47 -34.64 -8.52
C TYR A 118 -3.84 -35.87 -9.20
N ASN A 119 -4.64 -36.93 -9.28
CA ASN A 119 -4.24 -38.18 -9.92
C ASN A 119 -4.51 -38.07 -11.43
N LYS A 120 -3.45 -38.19 -12.24
CA LYS A 120 -3.61 -37.96 -13.66
C LYS A 120 -4.35 -39.09 -14.36
N ASP A 121 -4.30 -40.30 -13.78
CA ASP A 121 -4.97 -41.45 -14.38
C ASP A 121 -6.47 -41.42 -14.11
N LEU A 122 -6.87 -40.87 -12.97
CA LEU A 122 -8.33 -40.82 -12.63
C LEU A 122 -8.91 -39.46 -12.99
N LEU A 123 -8.05 -38.53 -13.41
CA LEU A 123 -8.54 -37.14 -13.69
C LEU A 123 -7.55 -36.44 -14.59
N PRO A 124 -7.49 -36.73 -15.91
CA PRO A 124 -6.47 -36.13 -16.77
C PRO A 124 -6.56 -34.60 -16.80
N ASN A 125 -7.77 -34.06 -16.61
CA ASN A 125 -7.95 -32.62 -16.62
C ASN A 125 -8.65 -32.20 -15.34
N PRO A 126 -7.91 -31.67 -14.36
CA PRO A 126 -8.52 -31.35 -13.08
C PRO A 126 -9.43 -30.09 -13.19
N PRO A 127 -10.44 -29.96 -12.30
CA PRO A 127 -11.36 -28.84 -12.34
C PRO A 127 -10.71 -27.47 -12.10
N LYS A 128 -11.05 -26.50 -12.93
CA LYS A 128 -10.54 -25.15 -12.70
C LYS A 128 -11.30 -24.41 -11.61
N THR A 129 -12.50 -24.88 -11.24
CA THR A 129 -13.32 -24.20 -10.25
C THR A 129 -13.77 -25.18 -9.18
N TRP A 130 -13.99 -24.65 -7.98
CA TRP A 130 -14.57 -25.44 -6.90
C TRP A 130 -15.99 -25.89 -7.23
N GLU A 131 -16.67 -25.16 -8.11
CA GLU A 131 -18.07 -25.43 -8.38
C GLU A 131 -18.27 -26.69 -9.21
N GLU A 132 -17.23 -27.13 -9.94
CA GLU A 132 -17.28 -28.37 -10.70
C GLU A 132 -17.19 -29.62 -9.82
N ILE A 133 -16.65 -29.49 -8.61
CA ILE A 133 -16.37 -30.66 -7.76
C ILE A 133 -17.60 -31.53 -7.55
N PRO A 134 -18.75 -31.01 -7.09
CA PRO A 134 -19.89 -31.89 -6.81
C PRO A 134 -20.29 -32.79 -7.97
N ALA A 135 -20.39 -32.23 -9.19
CA ALA A 135 -20.70 -33.03 -10.36
C ALA A 135 -19.59 -34.05 -10.63
N LEU A 136 -18.33 -33.64 -10.44
CA LEU A 136 -17.22 -34.56 -10.62
C LEU A 136 -17.24 -35.67 -9.58
N ASP A 137 -17.64 -35.35 -8.34
CA ASP A 137 -17.71 -36.37 -7.31
C ASP A 137 -18.82 -37.38 -7.60
N LYS A 138 -19.97 -36.88 -8.05
CA LYS A 138 -21.06 -37.81 -8.43
C LYS A 138 -20.53 -38.77 -9.50
N GLU A 139 -19.91 -38.21 -10.53
CA GLU A 139 -19.41 -39.04 -11.62
C GLU A 139 -18.41 -40.08 -11.11
N LEU A 140 -17.49 -39.67 -10.24
CA LEU A 140 -16.47 -40.59 -9.75
C LEU A 140 -17.03 -41.58 -8.74
N LYS A 141 -17.99 -41.14 -7.90
CA LYS A 141 -18.58 -42.04 -6.91
C LYS A 141 -19.17 -43.30 -7.54
N ALA A 142 -19.64 -43.20 -8.79
CA ALA A 142 -20.19 -44.35 -9.50
C ALA A 142 -19.11 -45.28 -10.03
N LYS A 143 -17.84 -45.01 -9.72
CA LYS A 143 -16.74 -45.90 -10.07
C LYS A 143 -15.95 -46.29 -8.82
N GLY A 144 -16.55 -46.12 -7.65
CA GLY A 144 -15.96 -46.52 -6.39
C GLY A 144 -14.99 -45.53 -5.77
N LYS A 145 -14.95 -44.28 -6.24
CA LYS A 145 -13.94 -43.30 -5.86
C LYS A 145 -14.59 -41.96 -5.55
N SER A 146 -13.84 -41.07 -4.91
CA SER A 146 -14.29 -39.71 -4.64
C SER A 146 -13.44 -38.69 -5.41
N ALA A 147 -13.94 -37.44 -5.43
CA ALA A 147 -13.24 -36.38 -6.14
C ALA A 147 -12.16 -35.74 -5.29
N LEU A 148 -12.50 -35.37 -4.07
CA LEU A 148 -11.60 -34.55 -3.26
C LEU A 148 -11.58 -35.02 -1.82
N MET A 149 -10.38 -35.10 -1.26
CA MET A 149 -10.20 -35.42 0.16
C MET A 149 -8.97 -34.66 0.65
N PHE A 150 -9.18 -33.71 1.56
CA PHE A 150 -8.06 -33.04 2.20
C PHE A 150 -8.38 -32.79 3.67
N ASN A 151 -7.33 -32.45 4.42
CA ASN A 151 -7.42 -32.30 5.86
C ASN A 151 -8.39 -31.19 6.24
N LEU A 152 -9.49 -31.56 6.91
CA LEU A 152 -10.49 -30.60 7.33
C LEU A 152 -10.32 -30.17 8.78
N GLN A 153 -9.40 -30.79 9.51
CA GLN A 153 -9.19 -30.45 10.91
C GLN A 153 -8.33 -29.21 11.08
N GLU A 154 -7.38 -28.98 10.17
CA GLU A 154 -6.52 -27.81 10.32
C GLU A 154 -7.01 -26.70 9.40
N PRO A 155 -7.14 -25.47 9.91
CA PRO A 155 -7.69 -24.38 9.08
C PRO A 155 -6.75 -23.92 7.98
N TYR A 156 -5.44 -24.20 8.09
CA TYR A 156 -4.49 -23.98 7.01
C TYR A 156 -5.07 -24.43 5.68
N PHE A 157 -5.69 -25.62 5.69
CA PHE A 157 -6.07 -26.30 4.45
C PHE A 157 -7.40 -25.83 3.90
N THR A 158 -8.27 -25.27 4.74
CA THR A 158 -9.55 -24.76 4.27
C THR A 158 -9.53 -23.25 4.06
N TRP A 159 -8.51 -22.59 4.60
CA TRP A 159 -8.39 -21.12 4.44
C TRP A 159 -8.42 -20.74 2.96
N PRO A 160 -7.62 -21.34 2.06
CA PRO A 160 -7.63 -20.92 0.68
C PRO A 160 -9.03 -20.64 0.14
N LEU A 161 -10.01 -21.48 0.48
CA LEU A 161 -11.39 -21.31 -0.04
C LEU A 161 -12.06 -20.15 0.70
N ILE A 162 -11.97 -20.15 2.03
CA ILE A 162 -12.63 -19.08 2.82
C ILE A 162 -12.12 -17.71 2.35
N ALA A 163 -10.83 -17.59 2.03
CA ALA A 163 -10.27 -16.30 1.66
C ALA A 163 -10.61 -15.91 0.21
N ALA A 164 -10.85 -16.90 -0.67
CA ALA A 164 -11.08 -16.66 -2.09
C ALA A 164 -12.02 -15.49 -2.37
N ASP A 165 -13.17 -15.46 -1.70
CA ASP A 165 -14.20 -14.45 -2.04
C ASP A 165 -14.11 -13.20 -1.17
N GLY A 166 -13.14 -13.12 -0.26
CA GLY A 166 -13.03 -11.92 0.52
C GLY A 166 -12.59 -12.14 1.96
N GLY A 167 -12.57 -13.40 2.38
CA GLY A 167 -12.05 -13.67 3.71
C GLY A 167 -10.60 -13.25 3.86
N TYR A 168 -10.29 -12.68 5.02
CA TYR A 168 -8.91 -12.27 5.32
C TYR A 168 -8.73 -12.31 6.84
N ALA A 169 -7.50 -12.27 7.32
CA ALA A 169 -7.29 -12.41 8.77
C ALA A 169 -7.17 -11.01 9.37
N PHE A 170 -6.09 -10.33 9.03
CA PHE A 170 -5.78 -8.99 9.57
C PHE A 170 -5.46 -8.14 8.35
N LYS A 171 -6.11 -6.99 8.25
CA LYS A 171 -5.95 -6.09 7.11
C LYS A 171 -4.60 -5.40 7.13
N TYR A 172 -3.91 -5.41 5.99
CA TYR A 172 -2.64 -4.70 5.85
C TYR A 172 -2.93 -3.23 5.53
N ALA A 173 -2.54 -2.32 6.43
CA ALA A 173 -2.97 -0.93 6.35
C ALA A 173 -1.84 -0.01 6.76
N ALA A 174 -1.41 0.86 5.83
CA ALA A 174 -0.31 1.79 6.06
C ALA A 174 0.95 1.07 6.52
N GLY A 175 1.29 -0.01 5.81
CA GLY A 175 2.52 -0.73 6.07
C GLY A 175 2.53 -1.58 7.32
N LYS A 176 1.38 -1.95 7.86
CA LYS A 176 1.37 -2.83 9.02
C LYS A 176 -0.01 -3.46 9.16
N TYR A 177 -0.06 -4.58 9.87
CA TYR A 177 -1.30 -5.30 10.04
C TYR A 177 -2.16 -4.66 11.12
N ASP A 178 -3.46 -4.53 10.83
CA ASP A 178 -4.41 -3.86 11.71
C ASP A 178 -5.18 -4.92 12.50
N ILE A 179 -4.80 -5.12 13.76
CA ILE A 179 -5.50 -6.06 14.65
C ILE A 179 -6.94 -5.67 14.92
N LYS A 180 -7.32 -4.41 14.68
CA LYS A 180 -8.72 -4.02 14.82
C LYS A 180 -9.56 -4.55 13.67
N ASP A 181 -8.96 -4.64 12.48
CA ASP A 181 -9.69 -5.00 11.25
C ASP A 181 -9.42 -6.47 10.91
N VAL A 182 -10.38 -7.34 11.27
CA VAL A 182 -10.33 -8.78 11.00
C VAL A 182 -11.42 -9.12 10.01
N GLY A 183 -11.13 -10.02 9.08
CA GLY A 183 -12.07 -10.34 8.02
C GLY A 183 -12.55 -11.77 8.00
N VAL A 184 -12.80 -12.37 9.17
CA VAL A 184 -13.17 -13.78 9.18
C VAL A 184 -14.68 -14.00 9.02
N ASP A 185 -15.50 -12.97 9.24
CA ASP A 185 -16.94 -13.14 9.14
C ASP A 185 -17.57 -12.23 8.08
N ASN A 186 -16.78 -11.70 7.15
CA ASN A 186 -17.36 -10.92 6.07
C ASN A 186 -18.09 -11.84 5.09
N ALA A 187 -18.81 -11.24 4.15
CA ALA A 187 -19.62 -12.02 3.21
C ALA A 187 -18.77 -13.07 2.48
N GLY A 188 -17.55 -12.71 2.07
CA GLY A 188 -16.71 -13.64 1.33
C GLY A 188 -16.27 -14.84 2.14
N ALA A 189 -15.93 -14.62 3.41
CA ALA A 189 -15.58 -15.72 4.29
C ALA A 189 -16.76 -16.65 4.49
N LYS A 190 -17.96 -16.06 4.67
CA LYS A 190 -19.16 -16.87 4.80
C LYS A 190 -19.44 -17.68 3.54
N ALA A 191 -19.19 -17.08 2.38
CA ALA A 191 -19.41 -17.78 1.11
C ALA A 191 -18.50 -18.99 0.99
N GLY A 192 -17.21 -18.82 1.30
CA GLY A 192 -16.27 -19.93 1.24
C GLY A 192 -16.62 -21.06 2.19
N LEU A 193 -16.85 -20.72 3.47
CA LEU A 193 -17.14 -21.77 4.44
C LEU A 193 -18.48 -22.44 4.17
N THR A 194 -19.44 -21.70 3.60
CA THR A 194 -20.72 -22.32 3.27
C THR A 194 -20.56 -23.36 2.17
N PHE A 195 -19.74 -23.07 1.15
CA PHE A 195 -19.52 -24.05 0.09
C PHE A 195 -18.88 -25.32 0.65
N LEU A 196 -17.87 -25.15 1.50
CA LEU A 196 -17.22 -26.28 2.16
C LEU A 196 -18.24 -27.12 2.94
N VAL A 197 -19.03 -26.45 3.79
CA VAL A 197 -20.04 -27.17 4.58
C VAL A 197 -21.05 -27.84 3.65
N ASP A 198 -21.41 -27.19 2.54
CA ASP A 198 -22.34 -27.79 1.59
C ASP A 198 -21.76 -29.05 0.95
N LEU A 199 -20.44 -29.09 0.75
CA LEU A 199 -19.81 -30.30 0.27
C LEU A 199 -19.97 -31.43 1.29
N ILE A 200 -20.01 -31.10 2.57
CA ILE A 200 -20.14 -32.14 3.59
C ILE A 200 -21.60 -32.59 3.72
N LYS A 201 -22.53 -31.63 3.74
CA LYS A 201 -23.95 -31.97 3.75
C LYS A 201 -24.31 -32.90 2.59
N ASN A 202 -23.83 -32.58 1.39
CA ASN A 202 -24.10 -33.40 0.22
C ASN A 202 -23.17 -34.60 0.11
N LYS A 203 -22.46 -34.94 1.18
CA LYS A 203 -21.65 -36.17 1.27
C LYS A 203 -20.59 -36.26 0.17
N HIS A 204 -20.17 -35.12 -0.37
CA HIS A 204 -19.01 -35.11 -1.25
C HIS A 204 -17.70 -35.12 -0.47
N MET A 205 -17.78 -34.80 0.82
CA MET A 205 -16.64 -34.86 1.72
C MET A 205 -17.18 -35.21 3.09
N ASN A 206 -16.30 -35.73 3.94
CA ASN A 206 -16.67 -36.14 5.29
C ASN A 206 -15.91 -35.26 6.26
N ALA A 207 -16.64 -34.68 7.22
CA ALA A 207 -16.06 -33.73 8.16
C ALA A 207 -14.97 -34.35 9.03
N ASP A 208 -14.88 -35.67 9.10
CA ASP A 208 -13.91 -36.28 10.05
C ASP A 208 -12.53 -36.41 9.40
N THR A 209 -12.45 -36.14 8.10
CA THR A 209 -11.18 -36.29 7.37
C THR A 209 -10.07 -35.43 7.98
N ASP A 210 -8.89 -35.99 8.14
CA ASP A 210 -7.72 -35.28 8.67
C ASP A 210 -6.55 -35.51 7.71
N TYR A 211 -5.32 -35.25 8.16
CA TYR A 211 -4.14 -35.43 7.31
C TYR A 211 -3.94 -36.89 6.88
N SER A 212 -3.98 -37.83 7.83
CA SER A 212 -3.68 -39.23 7.51
C SER A 212 -4.71 -39.83 6.57
N ILE A 213 -5.99 -39.57 6.82
CA ILE A 213 -7.03 -40.15 5.97
C ILE A 213 -6.91 -39.63 4.54
N ALA A 214 -6.71 -38.32 4.39
CA ALA A 214 -6.58 -37.73 3.06
C ALA A 214 -5.35 -38.27 2.32
N GLU A 215 -4.20 -38.31 3.00
CA GLU A 215 -2.98 -38.77 2.34
C GLU A 215 -3.08 -40.25 1.98
N ALA A 216 -3.56 -41.08 2.91
CA ALA A 216 -3.78 -42.49 2.60
C ALA A 216 -4.72 -42.65 1.41
N ALA A 217 -5.86 -41.94 1.43
CA ALA A 217 -6.83 -42.05 0.34
C ALA A 217 -6.22 -41.65 -1.00
N PHE A 218 -5.53 -40.51 -1.05
CA PHE A 218 -4.94 -40.10 -2.32
C PHE A 218 -3.87 -41.08 -2.78
N ASN A 219 -2.97 -41.48 -1.88
CA ASN A 219 -1.84 -42.31 -2.28
C ASN A 219 -2.26 -43.74 -2.60
N LYS A 220 -3.41 -44.20 -2.11
CA LYS A 220 -3.94 -45.50 -2.47
C LYS A 220 -4.78 -45.47 -3.75
N GLY A 221 -5.04 -44.29 -4.31
CA GLY A 221 -5.84 -44.16 -5.52
C GLY A 221 -7.34 -44.10 -5.29
N GLU A 222 -7.79 -43.98 -4.05
CA GLU A 222 -9.23 -43.92 -3.76
C GLU A 222 -9.84 -42.56 -4.07
N THR A 223 -9.06 -41.48 -4.07
CA THR A 223 -9.58 -40.16 -4.37
C THR A 223 -8.77 -39.51 -5.49
N ALA A 224 -9.45 -38.68 -6.28
CA ALA A 224 -8.82 -38.10 -7.46
C ALA A 224 -7.97 -36.88 -7.14
N MET A 225 -8.27 -36.16 -6.06
CA MET A 225 -7.59 -34.92 -5.76
C MET A 225 -7.38 -34.79 -4.26
N THR A 226 -6.34 -34.03 -3.92
CA THR A 226 -6.13 -33.62 -2.54
C THR A 226 -5.49 -32.22 -2.55
N ILE A 227 -5.36 -31.64 -1.36
CA ILE A 227 -4.71 -30.35 -1.21
C ILE A 227 -3.61 -30.51 -0.16
N ASN A 228 -2.37 -30.19 -0.54
CA ASN A 228 -1.25 -30.36 0.37
C ASN A 228 -0.05 -29.56 -0.13
N GLY A 229 0.97 -29.48 0.71
CA GLY A 229 2.16 -28.74 0.39
C GLY A 229 3.25 -29.63 -0.16
N PRO A 230 4.42 -29.05 -0.42
CA PRO A 230 5.50 -29.82 -1.06
C PRO A 230 6.00 -30.99 -0.21
N TRP A 231 5.93 -30.88 1.11
CA TRP A 231 6.36 -31.97 1.98
C TRP A 231 5.66 -33.29 1.64
N ALA A 232 4.43 -33.24 1.11
CA ALA A 232 3.67 -34.45 0.87
C ALA A 232 4.05 -35.16 -0.43
N TRP A 233 4.89 -34.54 -1.27
CA TRP A 233 5.19 -35.13 -2.57
C TRP A 233 5.97 -36.43 -2.44
N SER A 234 6.84 -36.53 -1.42
CA SER A 234 7.67 -37.73 -1.27
C SER A 234 6.83 -38.99 -1.20
N ASN A 235 5.80 -38.97 -0.36
CA ASN A 235 4.99 -40.17 -0.17
C ASN A 235 4.17 -40.51 -1.40
N ILE A 236 3.88 -39.53 -2.26
CA ILE A 236 3.20 -39.83 -3.51
C ILE A 236 4.20 -40.41 -4.51
N ASP A 237 5.44 -39.93 -4.48
CA ASP A 237 6.50 -40.52 -5.29
C ASP A 237 6.65 -42.01 -5.00
N THR A 238 6.76 -42.36 -3.71
CA THR A 238 6.94 -43.77 -3.33
C THR A 238 5.69 -44.60 -3.60
N SER A 239 4.51 -43.98 -3.65
CA SER A 239 3.28 -44.70 -3.90
C SER A 239 3.08 -44.93 -5.41
N ALA A 240 2.03 -45.69 -5.73
CA ALA A 240 1.73 -46.04 -7.11
C ALA A 240 1.25 -44.86 -7.94
N VAL A 241 0.75 -43.80 -7.31
CA VAL A 241 0.01 -42.77 -8.02
C VAL A 241 0.93 -42.00 -8.96
N ASN A 242 0.41 -41.72 -10.15
CA ASN A 242 1.05 -40.81 -11.11
C ASN A 242 0.29 -39.49 -11.05
N TYR A 243 0.92 -38.47 -10.49
CA TYR A 243 0.23 -37.27 -10.03
C TYR A 243 0.76 -36.00 -10.68
N GLY A 244 -0.05 -34.94 -10.59
CA GLY A 244 0.34 -33.60 -10.97
C GLY A 244 0.13 -32.60 -9.85
N VAL A 245 0.75 -31.43 -9.97
CA VAL A 245 0.61 -30.34 -9.01
C VAL A 245 0.18 -29.10 -9.81
N THR A 246 -0.96 -28.52 -9.46
CA THR A 246 -1.54 -27.48 -10.29
C THR A 246 -2.17 -26.39 -9.43
N VAL A 247 -2.70 -25.37 -10.11
CA VAL A 247 -3.40 -24.27 -9.43
C VAL A 247 -4.59 -24.82 -8.67
N LEU A 248 -4.82 -24.28 -7.49
CA LEU A 248 -6.05 -24.57 -6.77
C LEU A 248 -7.23 -24.06 -7.58
N PRO A 249 -8.38 -24.71 -7.50
CA PRO A 249 -9.53 -24.26 -8.27
C PRO A 249 -10.02 -22.92 -7.76
N THR A 250 -10.75 -22.22 -8.62
CA THR A 250 -11.31 -20.93 -8.27
C THR A 250 -12.66 -21.10 -7.57
N PHE A 251 -13.02 -20.09 -6.77
CA PHE A 251 -14.31 -20.02 -6.12
C PHE A 251 -14.97 -18.70 -6.53
N LYS A 252 -16.21 -18.79 -7.01
CA LYS A 252 -16.94 -17.61 -7.48
C LYS A 252 -16.09 -16.77 -8.42
N GLY A 253 -15.37 -17.45 -9.32
CA GLY A 253 -14.55 -16.79 -10.32
C GLY A 253 -13.22 -16.27 -9.83
N GLN A 254 -12.88 -16.49 -8.56
CA GLN A 254 -11.71 -15.87 -7.99
C GLN A 254 -10.74 -16.92 -7.49
N PRO A 255 -9.43 -16.67 -7.58
CA PRO A 255 -8.46 -17.68 -7.17
C PRO A 255 -8.57 -17.98 -5.68
N SER A 256 -8.33 -19.24 -5.33
CA SER A 256 -8.13 -19.59 -3.95
C SER A 256 -6.83 -18.93 -3.46
N LYS A 257 -6.83 -18.47 -2.21
CA LYS A 257 -5.76 -17.64 -1.68
C LYS A 257 -5.12 -18.35 -0.48
N PRO A 258 -4.20 -19.29 -0.73
CA PRO A 258 -3.55 -19.99 0.39
C PRO A 258 -2.69 -19.04 1.21
N PHE A 259 -2.60 -19.35 2.50
CA PHE A 259 -1.73 -18.59 3.38
C PHE A 259 -0.31 -19.12 3.23
N VAL A 260 0.60 -18.25 2.81
CA VAL A 260 1.98 -18.64 2.50
C VAL A 260 2.83 -18.61 3.77
N GLY A 261 3.55 -19.71 4.02
CA GLY A 261 4.45 -19.79 5.15
C GLY A 261 5.90 -19.82 4.71
N VAL A 262 6.78 -19.27 5.53
CA VAL A 262 8.22 -19.37 5.33
C VAL A 262 8.73 -20.25 6.46
N LEU A 263 9.07 -21.50 6.15
CA LEU A 263 9.72 -22.38 7.12
C LEU A 263 10.96 -21.69 7.66
N SER A 264 11.01 -21.54 8.97
CA SER A 264 12.05 -20.75 9.60
C SER A 264 12.63 -21.49 10.79
N ALA A 265 13.87 -21.15 11.12
CA ALA A 265 14.59 -21.75 12.22
C ALA A 265 15.03 -20.64 13.18
N GLY A 266 14.50 -20.68 14.39
CA GLY A 266 14.86 -19.71 15.43
C GLY A 266 15.73 -20.36 16.48
N ILE A 267 16.52 -19.53 17.16
CA ILE A 267 17.42 -19.97 18.21
C ILE A 267 16.79 -19.62 19.54
N ASN A 268 16.66 -20.63 20.42
CA ASN A 268 16.08 -20.43 21.74
C ASN A 268 16.83 -19.35 22.49
N ALA A 269 16.09 -18.43 23.10
CA ALA A 269 16.73 -17.35 23.87
C ALA A 269 17.50 -17.90 25.05
N ALA A 270 17.09 -19.06 25.57
CA ALA A 270 17.75 -19.68 26.72
C ALA A 270 18.85 -20.66 26.31
N SER A 271 19.14 -20.80 25.02
CA SER A 271 20.18 -21.72 24.59
C SER A 271 21.56 -21.19 24.95
N PRO A 272 22.43 -22.01 25.54
CA PRO A 272 23.84 -21.64 25.68
C PRO A 272 24.69 -21.95 24.45
N ASN A 273 24.07 -22.35 23.35
CA ASN A 273 24.77 -22.79 22.15
C ASN A 273 24.41 -21.93 20.96
N LYS A 274 24.27 -20.62 21.20
CA LYS A 274 23.82 -19.72 20.14
C LYS A 274 24.79 -19.67 18.98
N GLU A 275 26.09 -19.61 19.28
CA GLU A 275 27.09 -19.59 18.21
C GLU A 275 27.11 -20.91 17.45
N LEU A 276 27.04 -22.04 18.16
CA LEU A 276 26.98 -23.33 17.49
C LEU A 276 25.78 -23.41 16.56
N ALA A 277 24.60 -22.98 17.04
CA ALA A 277 23.40 -22.99 16.22
C ALA A 277 23.57 -22.08 14.99
N LYS A 278 24.17 -20.90 15.18
CA LYS A 278 24.44 -20.01 14.06
C LYS A 278 25.36 -20.68 13.04
N GLU A 279 26.39 -21.35 13.53
CA GLU A 279 27.35 -22.04 12.62
C GLU A 279 26.62 -23.14 11.88
N PHE A 280 25.82 -23.94 12.60
CA PHE A 280 25.07 -25.01 11.96
C PHE A 280 24.13 -24.47 10.88
N LEU A 281 23.35 -23.44 11.22
CA LEU A 281 22.33 -22.95 10.29
C LEU A 281 22.97 -22.25 9.09
N GLU A 282 23.97 -21.40 9.33
CA GLU A 282 24.56 -20.62 8.25
C GLU A 282 25.45 -21.49 7.36
N ASN A 283 26.36 -22.26 7.96
CA ASN A 283 27.38 -22.94 7.17
C ASN A 283 27.04 -24.37 6.78
N TYR A 284 26.03 -24.95 7.41
CA TYR A 284 25.74 -26.38 7.13
C TYR A 284 24.34 -26.51 6.52
N LEU A 285 23.31 -25.98 7.18
CA LEU A 285 21.95 -26.20 6.64
C LEU A 285 21.72 -25.29 5.44
N LEU A 286 21.98 -23.99 5.60
CA LEU A 286 21.68 -23.02 4.52
C LEU A 286 22.72 -23.11 3.40
N THR A 287 22.86 -24.28 2.80
CA THR A 287 23.76 -24.51 1.68
C THR A 287 23.03 -25.41 0.68
N ASP A 288 23.51 -25.41 -0.56
CA ASP A 288 22.96 -26.32 -1.56
C ASP A 288 22.97 -27.76 -1.04
N GLU A 289 24.08 -28.19 -0.46
CA GLU A 289 24.19 -29.54 0.06
C GLU A 289 23.28 -29.73 1.25
N GLY A 290 23.27 -28.79 2.19
CA GLY A 290 22.44 -28.92 3.36
C GLY A 290 20.97 -29.01 3.02
N LEU A 291 20.49 -28.11 2.16
CA LEU A 291 19.08 -28.09 1.79
C LEU A 291 18.70 -29.32 0.96
N GLU A 292 19.58 -29.75 0.05
CA GLU A 292 19.31 -30.94 -0.74
C GLU A 292 19.12 -32.16 0.16
N ALA A 293 19.93 -32.30 1.20
CA ALA A 293 19.75 -33.42 2.13
C ALA A 293 18.35 -33.41 2.72
N VAL A 294 17.87 -32.24 3.14
CA VAL A 294 16.51 -32.14 3.65
C VAL A 294 15.50 -32.30 2.53
N ASN A 295 15.77 -31.72 1.35
CA ASN A 295 14.80 -31.76 0.25
C ASN A 295 14.58 -33.18 -0.26
N LYS A 296 15.62 -34.02 -0.25
CA LYS A 296 15.46 -35.40 -0.71
C LYS A 296 14.64 -36.23 0.26
N ASP A 297 14.63 -35.85 1.55
CA ASP A 297 13.72 -36.47 2.51
C ASP A 297 12.28 -36.02 2.28
N LYS A 298 12.03 -34.72 2.47
CA LYS A 298 10.67 -34.17 2.22
C LYS A 298 10.86 -32.81 1.55
N PRO A 299 10.35 -32.59 0.33
CA PRO A 299 10.57 -31.34 -0.42
C PRO A 299 10.19 -30.11 0.39
N LEU A 300 11.05 -29.09 0.36
CA LEU A 300 10.84 -27.90 1.23
C LEU A 300 10.03 -26.80 0.53
N GLY A 301 9.87 -26.87 -0.79
CA GLY A 301 9.22 -25.79 -1.50
C GLY A 301 10.23 -24.95 -2.27
N ALA A 302 9.94 -23.67 -2.46
CA ALA A 302 10.91 -22.75 -3.02
C ALA A 302 11.82 -22.26 -1.90
N VAL A 303 13.07 -22.72 -1.93
CA VAL A 303 14.01 -22.43 -0.82
C VAL A 303 14.43 -20.97 -0.81
N ALA A 304 14.75 -20.45 0.38
CA ALA A 304 15.15 -19.05 0.49
C ALA A 304 16.54 -18.81 -0.06
N LEU A 305 17.38 -19.86 -0.09
CA LEU A 305 18.74 -19.79 -0.61
C LEU A 305 18.69 -19.65 -2.13
N LYS A 306 19.13 -18.50 -2.64
CA LYS A 306 19.01 -18.22 -4.07
C LYS A 306 19.71 -19.27 -4.91
N SER A 307 20.97 -19.61 -4.56
CA SER A 307 21.74 -20.53 -5.41
C SER A 307 21.03 -21.86 -5.59
N TYR A 308 20.38 -22.37 -4.55
CA TYR A 308 19.69 -23.65 -4.67
C TYR A 308 18.30 -23.49 -5.27
N GLU A 309 17.66 -22.34 -5.04
CA GLU A 309 16.34 -22.11 -5.61
C GLU A 309 16.40 -22.04 -7.13
N GLU A 310 17.51 -21.55 -7.69
CA GLU A 310 17.65 -21.50 -9.14
C GLU A 310 17.63 -22.89 -9.76
N GLU A 311 18.16 -23.89 -9.07
CA GLU A 311 18.09 -25.25 -9.59
C GLU A 311 16.67 -25.79 -9.50
N LEU A 312 16.09 -25.78 -8.30
CA LEU A 312 14.75 -26.33 -8.08
C LEU A 312 13.69 -25.63 -8.91
N ALA A 313 13.92 -24.36 -9.25
CA ALA A 313 12.93 -23.55 -9.95
C ALA A 313 12.37 -24.21 -11.20
N LYS A 314 13.19 -25.02 -11.89
CA LYS A 314 12.75 -25.66 -13.12
C LYS A 314 11.69 -26.74 -12.88
N ASP A 315 11.51 -27.19 -11.66
CA ASP A 315 10.50 -28.19 -11.36
C ASP A 315 9.09 -27.65 -11.59
N PRO A 316 8.29 -28.27 -12.48
CA PRO A 316 6.90 -27.83 -12.65
C PRO A 316 6.11 -27.74 -11.37
N ARG A 317 6.38 -28.64 -10.41
CA ARG A 317 5.68 -28.64 -9.13
C ARG A 317 6.05 -27.42 -8.29
N ILE A 318 7.32 -26.99 -8.35
CA ILE A 318 7.70 -25.76 -7.66
C ILE A 318 7.06 -24.55 -8.35
N ALA A 319 6.95 -24.61 -9.68
CA ALA A 319 6.26 -23.55 -10.41
C ALA A 319 4.80 -23.46 -9.99
N ALA A 320 4.14 -24.61 -9.84
CA ALA A 320 2.76 -24.60 -9.36
C ALA A 320 2.69 -24.06 -7.94
N THR A 321 3.66 -24.44 -7.11
CA THR A 321 3.69 -23.97 -5.73
C THR A 321 3.78 -22.45 -5.68
N MET A 322 4.68 -21.88 -6.48
CA MET A 322 4.88 -20.44 -6.47
C MET A 322 3.72 -19.69 -7.15
N GLU A 323 3.05 -20.32 -8.11
CA GLU A 323 1.86 -19.71 -8.71
C GLU A 323 0.73 -19.59 -7.69
N ASN A 324 0.52 -20.64 -6.88
CA ASN A 324 -0.48 -20.56 -5.83
C ASN A 324 -0.11 -19.53 -4.77
N ALA A 325 1.17 -19.52 -4.37
CA ALA A 325 1.67 -18.52 -3.43
C ALA A 325 1.40 -17.10 -3.94
N GLN A 326 1.63 -16.85 -5.23
CA GLN A 326 1.39 -15.52 -5.79
C GLN A 326 -0.08 -15.16 -5.77
N LYS A 327 -0.98 -16.16 -5.70
CA LYS A 327 -2.40 -15.88 -5.59
C LYS A 327 -2.85 -15.66 -4.15
N GLY A 328 -2.06 -16.06 -3.17
CA GLY A 328 -2.37 -15.86 -1.77
C GLY A 328 -1.60 -14.71 -1.15
N GLU A 329 -1.37 -14.84 0.15
CA GLU A 329 -0.66 -13.78 0.88
C GLU A 329 0.29 -14.44 1.87
N ILE A 330 1.41 -13.80 2.16
CA ILE A 330 2.33 -14.33 3.19
C ILE A 330 1.68 -14.02 4.52
N MET A 331 1.58 -15.02 5.38
CA MET A 331 0.96 -14.84 6.69
C MET A 331 1.64 -13.71 7.44
N PRO A 332 0.90 -12.98 8.30
CA PRO A 332 1.53 -12.02 9.17
C PRO A 332 2.28 -12.85 10.22
N ASN A 333 3.35 -12.31 10.78
CA ASN A 333 4.05 -13.00 11.86
C ASN A 333 3.68 -12.42 13.21
N ILE A 334 2.63 -11.60 13.27
CA ILE A 334 2.31 -10.84 14.46
C ILE A 334 1.85 -11.77 15.58
N PRO A 335 1.98 -11.37 16.83
CA PRO A 335 1.57 -12.24 17.94
C PRO A 335 0.13 -12.71 17.86
N GLN A 336 -0.77 -11.92 17.27
CA GLN A 336 -2.19 -12.24 17.29
C GLN A 336 -2.57 -13.34 16.32
N MET A 337 -1.59 -13.87 15.57
CA MET A 337 -1.89 -14.91 14.59
C MET A 337 -2.34 -16.19 15.28
N SER A 338 -1.84 -16.50 16.48
CA SER A 338 -2.28 -17.71 17.15
C SER A 338 -3.71 -17.58 17.65
N ALA A 339 -4.10 -16.39 18.09
CA ALA A 339 -5.51 -16.15 18.37
C ALA A 339 -6.35 -16.42 17.12
N PHE A 340 -5.95 -15.82 16.00
CA PHE A 340 -6.66 -16.02 14.73
C PHE A 340 -6.80 -17.49 14.38
N TRP A 341 -5.68 -18.22 14.39
CA TRP A 341 -5.69 -19.63 13.96
C TRP A 341 -6.57 -20.49 14.85
N TYR A 342 -6.53 -20.25 16.17
CA TYR A 342 -7.42 -20.98 17.06
C TYR A 342 -8.88 -20.62 16.80
N ALA A 343 -9.16 -19.33 16.62
CA ALA A 343 -10.52 -18.89 16.35
C ALA A 343 -11.08 -19.58 15.10
N VAL A 344 -10.28 -19.65 14.04
CA VAL A 344 -10.81 -20.22 12.78
C VAL A 344 -10.83 -21.74 12.91
N ARG A 345 -9.88 -22.30 13.66
CA ARG A 345 -9.90 -23.74 13.88
C ARG A 345 -11.24 -24.17 14.45
N THR A 346 -11.68 -23.51 15.54
CA THR A 346 -12.95 -23.84 16.16
C THR A 346 -14.11 -23.64 15.20
N ALA A 347 -14.07 -22.55 14.42
CA ALA A 347 -15.13 -22.22 13.48
C ALA A 347 -15.35 -23.31 12.44
N VAL A 348 -14.27 -23.77 11.80
CA VAL A 348 -14.42 -24.72 10.70
C VAL A 348 -14.88 -26.08 11.22
N ILE A 349 -14.35 -26.51 12.37
CA ILE A 349 -14.75 -27.80 12.92
C ILE A 349 -16.23 -27.80 13.29
N ASN A 350 -16.67 -26.77 14.01
CA ASN A 350 -18.08 -26.68 14.42
C ASN A 350 -18.99 -26.56 13.21
N ALA A 351 -18.65 -25.68 12.27
CA ALA A 351 -19.48 -25.51 11.08
C ALA A 351 -19.54 -26.79 10.25
N ALA A 352 -18.41 -27.47 10.10
CA ALA A 352 -18.37 -28.67 9.26
C ALA A 352 -19.05 -29.86 9.94
N SER A 353 -19.02 -29.92 11.27
CA SER A 353 -19.69 -30.98 12.00
C SER A 353 -21.21 -30.83 11.98
N GLY A 354 -21.70 -29.62 11.73
CA GLY A 354 -23.10 -29.32 11.83
C GLY A 354 -23.49 -28.68 13.14
N ARG A 355 -22.58 -28.67 14.12
CA ARG A 355 -22.87 -28.11 15.44
C ARG A 355 -23.43 -26.69 15.35
N GLN A 356 -22.62 -25.76 14.84
CA GLN A 356 -23.08 -24.39 14.64
C GLN A 356 -23.34 -24.12 13.16
N THR A 357 -24.05 -23.02 12.95
CA THR A 357 -24.29 -22.57 11.56
C THR A 357 -23.08 -21.74 11.14
N VAL A 358 -22.84 -21.65 9.84
CA VAL A 358 -21.69 -20.90 9.34
C VAL A 358 -21.67 -19.50 9.95
N ASP A 359 -22.82 -18.84 9.94
CA ASP A 359 -22.86 -17.44 10.43
C ASP A 359 -22.48 -17.41 11.92
N ALA A 360 -23.10 -18.27 12.71
CA ALA A 360 -22.77 -18.33 14.14
C ALA A 360 -21.30 -18.67 14.36
N ALA A 361 -20.78 -19.66 13.62
CA ALA A 361 -19.39 -20.07 13.80
C ALA A 361 -18.43 -18.92 13.52
N LEU A 362 -18.64 -18.23 12.39
CA LEU A 362 -17.74 -17.14 12.00
C LEU A 362 -17.93 -15.91 12.89
N ALA A 363 -19.15 -15.68 13.37
CA ALA A 363 -19.38 -14.63 14.37
C ALA A 363 -18.46 -14.82 15.56
N ALA A 364 -18.41 -16.03 16.10
CA ALA A 364 -17.56 -16.32 17.25
C ALA A 364 -16.07 -16.19 16.90
N ALA A 365 -15.66 -16.70 15.72
CA ALA A 365 -14.27 -16.56 15.30
C ALA A 365 -13.87 -15.09 15.22
N GLN A 366 -14.78 -14.23 14.74
CA GLN A 366 -14.51 -12.79 14.67
C GLN A 366 -14.23 -12.21 16.04
N THR A 367 -15.07 -12.55 17.02
CA THR A 367 -14.87 -12.12 18.40
C THR A 367 -13.53 -12.57 18.94
N ASN A 368 -13.18 -13.84 18.71
CA ASN A 368 -11.94 -14.39 19.27
C ASN A 368 -10.71 -13.81 18.60
N ALA A 369 -10.70 -13.82 17.26
CA ALA A 369 -9.56 -13.29 16.53
C ALA A 369 -9.29 -11.83 16.88
N ALA A 370 -10.36 -11.04 17.03
CA ALA A 370 -10.20 -9.59 17.29
C ALA A 370 -10.17 -9.26 18.78
N ALA A 371 -10.71 -10.14 19.62
CA ALA A 371 -10.77 -9.87 21.07
C ALA A 371 -11.13 -8.41 21.35
N GLU A 372 -12.31 -7.90 20.94
CA GLU A 372 -12.69 -6.51 21.30
C GLU A 372 -11.47 -5.60 21.13
N PHE A 373 -10.81 -5.71 19.98
CA PHE A 373 -9.57 -4.94 19.73
C PHE A 373 -8.67 -5.25 20.92
N ILE A 374 -8.40 -6.53 21.12
CA ILE A 374 -7.66 -6.90 22.36
C ILE A 374 -8.36 -6.20 23.53
N ASP A 375 -9.69 -6.31 23.64
CA ASP A 375 -10.46 -5.78 24.79
C ASP A 375 -10.12 -4.31 25.10
N ASN A 376 -9.62 -3.56 24.13
CA ASN A 376 -9.24 -2.17 24.46
C ASN A 376 -10.48 -1.27 24.42
N VAL A 377 -11.47 -1.62 23.59
CA VAL A 377 -12.68 -0.76 23.48
C VAL A 377 -13.43 -0.86 24.79
N CYS A 378 -13.69 -2.07 25.26
CA CYS A 378 -14.40 -2.25 26.55
C CYS A 378 -13.60 -1.53 27.64
N GLU A 379 -12.27 -1.48 27.50
CA GLU A 379 -11.46 -0.77 28.47
C GLU A 379 -11.71 0.73 28.39
N LEU A 380 -11.77 1.29 27.18
CA LEU A 380 -12.10 2.69 27.04
C LEU A 380 -13.50 2.97 27.57
N ALA A 381 -14.47 2.13 27.19
CA ALA A 381 -15.84 2.29 27.68
C ALA A 381 -15.90 2.26 29.21
N ALA A 382 -15.12 1.37 29.83
CA ALA A 382 -15.06 1.31 31.29
C ALA A 382 -14.51 2.60 31.88
N ARG A 383 -13.49 3.20 31.26
CA ARG A 383 -13.00 4.48 31.72
C ARG A 383 -14.07 5.56 31.58
N LEU A 384 -14.79 5.55 30.45
CA LEU A 384 -15.85 6.54 30.24
C LEU A 384 -16.94 6.40 31.29
N LEU A 385 -17.21 5.18 31.72
CA LEU A 385 -18.20 4.95 32.76
C LEU A 385 -17.79 5.61 34.07
N PHE A 386 -16.54 5.39 34.49
CA PHE A 386 -16.05 6.04 35.70
C PHE A 386 -16.01 7.56 35.51
N SER A 387 -15.53 8.02 34.36
CA SER A 387 -15.55 9.43 34.04
C SER A 387 -16.95 10.02 34.18
N THR A 388 -17.97 9.27 33.73
CA THR A 388 -19.34 9.76 33.77
C THR A 388 -19.82 9.97 35.19
N VAL A 389 -19.56 9.02 36.07
CA VAL A 389 -19.96 9.16 37.47
C VAL A 389 -19.24 10.36 38.09
N GLU A 390 -17.91 10.40 38.00
CA GLU A 390 -17.16 11.51 38.58
C GLU A 390 -17.59 12.86 38.01
N TRP A 391 -18.02 12.90 36.75
CA TRP A 391 -18.53 14.14 36.18
C TRP A 391 -19.77 14.64 36.91
N ALA A 392 -20.77 13.75 37.04
CA ALA A 392 -22.03 14.12 37.69
C ALA A 392 -21.80 14.60 39.12
N ARG A 393 -20.95 13.88 39.83
CA ARG A 393 -20.70 14.17 41.27
C ARG A 393 -20.24 15.60 41.48
N HIS A 394 -19.42 16.13 40.58
CA HIS A 394 -18.87 17.46 40.71
C HIS A 394 -19.63 18.48 39.86
N ALA A 395 -20.66 18.05 39.14
CA ALA A 395 -21.44 18.97 38.35
C ALA A 395 -22.05 20.04 39.26
N PRO A 396 -22.12 21.29 38.81
CA PRO A 396 -22.65 22.36 39.67
C PRO A 396 -24.03 21.97 40.20
N PHE A 397 -24.22 22.16 41.51
CA PHE A 397 -25.47 22.00 42.25
C PHE A 397 -25.79 20.54 42.58
N PHE A 398 -25.08 19.58 41.99
CA PHE A 398 -25.30 18.16 42.28
C PHE A 398 -24.81 17.76 43.67
N PRO A 399 -23.62 18.18 44.15
CA PRO A 399 -23.12 17.71 45.44
C PRO A 399 -24.04 18.12 46.60
N GLU A 400 -24.77 19.22 46.44
CA GLU A 400 -25.66 19.73 47.47
C GLU A 400 -27.03 19.07 47.46
N LEU A 401 -27.26 18.16 46.52
CA LEU A 401 -28.50 17.39 46.51
C LEU A 401 -28.47 16.32 47.59
N PRO A 402 -29.62 15.95 48.16
CA PRO A 402 -29.68 14.77 49.02
C PRO A 402 -29.25 13.54 48.23
N VAL A 403 -28.65 12.57 48.94
CA VAL A 403 -28.06 11.43 48.25
C VAL A 403 -29.12 10.62 47.49
N ALA A 404 -30.34 10.53 48.03
CA ALA A 404 -31.38 9.80 47.31
C ALA A 404 -31.70 10.49 45.99
N ASP A 405 -31.69 11.83 45.96
CA ASP A 405 -31.92 12.56 44.72
C ASP A 405 -30.75 12.41 43.76
N GLN A 406 -29.53 12.40 44.27
CA GLN A 406 -28.36 12.13 43.44
C GLN A 406 -28.47 10.78 42.78
N VAL A 407 -28.77 9.74 43.58
CA VAL A 407 -28.91 8.39 43.05
C VAL A 407 -30.04 8.33 42.03
N ALA A 408 -31.18 8.94 42.35
CA ALA A 408 -32.32 8.92 41.45
C ALA A 408 -31.97 9.54 40.09
N LEU A 409 -31.22 10.65 40.11
CA LEU A 409 -30.89 11.34 38.86
C LEU A 409 -29.97 10.50 38.00
N LEU A 410 -28.89 9.96 38.58
CA LEU A 410 -27.95 9.11 37.86
C LEU A 410 -28.60 7.78 37.45
N ARG A 411 -29.58 7.30 38.21
CA ARG A 411 -30.26 6.08 37.84
C ARG A 411 -30.87 6.21 36.45
N LEU A 412 -31.53 7.34 36.19
CA LEU A 412 -32.13 7.54 34.88
C LEU A 412 -31.10 7.94 33.82
N SER A 413 -30.23 8.90 34.15
CA SER A 413 -29.48 9.63 33.15
C SER A 413 -28.07 9.10 32.87
N TRP A 414 -27.56 8.13 33.65
CA TRP A 414 -26.17 7.71 33.46
C TRP A 414 -25.89 7.33 32.01
N SER A 415 -26.82 6.60 31.36
CA SER A 415 -26.60 6.15 30.01
C SER A 415 -26.52 7.30 29.02
N GLU A 416 -27.29 8.35 29.26
CA GLU A 416 -27.24 9.51 28.37
C GLU A 416 -25.92 10.23 28.49
N LEU A 417 -25.48 10.49 29.73
CA LEU A 417 -24.17 11.09 29.94
C LEU A 417 -23.07 10.23 29.32
N PHE A 418 -23.19 8.91 29.46
CA PHE A 418 -22.22 8.01 28.83
C PHE A 418 -22.20 8.21 27.32
N VAL A 419 -23.38 8.26 26.69
CA VAL A 419 -23.41 8.41 25.25
C VAL A 419 -22.76 9.72 24.83
N LEU A 420 -23.04 10.80 25.56
CA LEU A 420 -22.37 12.07 25.31
C LEU A 420 -20.86 11.93 25.43
N ASN A 421 -20.39 11.22 26.46
CA ASN A 421 -18.96 10.99 26.62
C ASN A 421 -18.40 10.14 25.50
N ALA A 422 -19.16 9.12 25.07
CA ALA A 422 -18.69 8.24 24.00
C ALA A 422 -18.56 8.99 22.68
N ALA A 423 -19.51 9.89 22.39
CA ALA A 423 -19.38 10.74 21.21
C ALA A 423 -18.17 11.66 21.35
N GLN A 424 -18.09 12.37 22.47
CA GLN A 424 -16.96 13.26 22.71
C GLN A 424 -15.62 12.54 22.60
N ALA A 425 -15.56 11.29 23.05
CA ALA A 425 -14.30 10.54 23.10
C ALA A 425 -14.03 9.71 21.85
N ALA A 426 -14.88 9.84 20.82
CA ALA A 426 -14.80 9.03 19.61
C ALA A 426 -14.57 7.55 19.96
N LEU A 427 -15.41 7.04 20.85
CA LEU A 427 -15.44 5.61 21.15
C LEU A 427 -15.80 4.85 19.89
N PRO A 428 -14.99 3.91 19.42
CA PRO A 428 -15.29 3.23 18.14
C PRO A 428 -16.59 2.44 18.17
N LEU A 429 -17.61 2.93 17.46
CA LEU A 429 -18.90 2.25 17.39
C LEU A 429 -19.19 1.62 16.05
N HIS A 430 -18.57 2.14 14.99
CA HIS A 430 -18.76 1.54 13.64
C HIS A 430 -18.27 0.09 13.64
N THR A 431 -17.38 -0.24 14.58
CA THR A 431 -16.84 -1.62 14.67
C THR A 431 -17.98 -2.64 14.78
N ALA A 432 -19.10 -2.26 15.38
CA ALA A 432 -20.26 -3.16 15.57
C ALA A 432 -19.80 -4.52 16.13
N PRO A 433 -19.32 -4.59 17.39
CA PRO A 433 -18.89 -5.84 18.00
C PRO A 433 -19.77 -7.02 17.57
N LEU A 434 -21.10 -6.83 17.58
CA LEU A 434 -22.00 -7.93 17.26
C LEU A 434 -21.75 -9.12 18.17
N LEU A 435 -21.93 -8.85 19.48
CA LEU A 435 -21.65 -9.88 20.51
C LEU A 435 -22.96 -10.34 21.16
N ALA A 436 -23.48 -11.46 20.71
CA ALA A 436 -24.72 -12.03 21.21
C ALA A 436 -24.44 -12.93 22.42
N ALA A 437 -25.44 -13.05 23.29
CA ALA A 437 -25.33 -13.86 24.50
C ALA A 437 -26.62 -14.67 24.76
N ARG A 449 -35.68 -9.13 18.19
CA ARG A 449 -34.69 -9.75 19.05
C ARG A 449 -33.33 -9.79 18.39
N ALA A 450 -33.29 -9.53 17.08
CA ALA A 450 -32.01 -9.50 16.39
C ALA A 450 -31.86 -8.22 15.59
N VAL A 451 -32.75 -8.04 14.60
CA VAL A 451 -32.86 -6.76 13.92
C VAL A 451 -33.06 -5.65 14.94
N ALA A 452 -33.87 -5.93 15.97
CA ALA A 452 -34.13 -4.95 17.02
C ALA A 452 -32.84 -4.48 17.68
N PHE A 453 -32.03 -5.43 18.18
CA PHE A 453 -30.71 -5.07 18.69
C PHE A 453 -29.92 -4.29 17.65
N MET A 454 -29.87 -4.82 16.42
CA MET A 454 -29.13 -4.17 15.33
C MET A 454 -29.70 -2.79 15.01
N ASP A 455 -31.02 -2.63 15.15
CA ASP A 455 -31.60 -1.31 14.90
C ASP A 455 -31.10 -0.30 15.91
N GLN A 456 -31.08 -0.68 17.19
CA GLN A 456 -30.65 0.22 18.24
C GLN A 456 -29.15 0.50 18.14
N VAL A 457 -28.36 -0.46 17.67
CA VAL A 457 -26.94 -0.20 17.44
C VAL A 457 -26.77 0.87 16.37
N ARG A 458 -27.55 0.78 15.29
CA ARG A 458 -27.46 1.78 14.23
C ARG A 458 -27.95 3.14 14.71
N ALA A 459 -29.01 3.16 15.52
CA ALA A 459 -29.48 4.42 16.10
C ALA A 459 -28.44 5.01 17.04
N PHE A 460 -27.70 4.17 17.75
CA PHE A 460 -26.61 4.63 18.59
C PHE A 460 -25.54 5.31 17.73
N GLN A 461 -25.06 4.62 16.68
CA GLN A 461 -24.07 5.19 15.78
C GLN A 461 -24.56 6.48 15.12
N GLU A 462 -25.82 6.48 14.65
CA GLU A 462 -26.34 7.62 13.90
C GLU A 462 -26.47 8.86 14.78
N GLN A 463 -26.85 8.68 16.05
CA GLN A 463 -26.94 9.83 16.93
C GLN A 463 -25.57 10.46 17.18
N VAL A 464 -24.55 9.63 17.37
CA VAL A 464 -23.19 10.14 17.56
C VAL A 464 -22.74 10.92 16.33
N ASP A 465 -23.07 10.41 15.13
CA ASP A 465 -22.78 11.13 13.90
C ASP A 465 -23.47 12.49 13.90
N LYS A 466 -24.77 12.51 14.26
CA LYS A 466 -25.48 13.78 14.30
C LYS A 466 -24.80 14.77 15.24
N LEU A 467 -24.25 14.27 16.35
CA LEU A 467 -23.52 15.15 17.25
C LEU A 467 -22.26 15.68 16.57
N GLY A 468 -21.58 14.84 15.79
CA GLY A 468 -20.44 15.30 15.01
C GLY A 468 -20.81 16.37 14.00
N ARG A 469 -21.87 16.13 13.22
CA ARG A 469 -22.28 17.10 12.20
C ARG A 469 -22.71 18.42 12.82
N LEU A 470 -23.25 18.38 14.04
CA LEU A 470 -23.52 19.60 14.79
C LEU A 470 -22.23 20.30 15.21
N GLN A 471 -21.10 19.60 15.22
CA GLN A 471 -19.83 20.14 15.71
C GLN A 471 -20.00 20.66 17.13
N VAL A 472 -20.63 19.82 17.97
CA VAL A 472 -20.79 20.12 19.39
C VAL A 472 -19.42 20.27 20.02
N ASP A 473 -19.15 21.42 20.64
CA ASP A 473 -17.86 21.68 21.24
C ASP A 473 -17.85 21.22 22.71
N SER A 474 -16.67 21.33 23.34
CA SER A 474 -16.52 20.86 24.71
C SER A 474 -17.44 21.62 25.67
N ALA A 475 -17.60 22.92 25.46
CA ALA A 475 -18.48 23.69 26.34
C ALA A 475 -19.93 23.24 26.22
N GLU A 476 -20.39 22.98 25.00
CA GLU A 476 -21.77 22.53 24.81
C GLU A 476 -21.98 21.15 25.41
N TYR A 477 -20.99 20.26 25.25
CA TYR A 477 -21.07 18.95 25.88
C TYR A 477 -21.22 19.06 27.40
N GLY A 478 -20.52 20.01 28.02
CA GLY A 478 -20.70 20.24 29.44
C GLY A 478 -22.12 20.63 29.79
N CYS A 479 -22.70 21.54 29.00
CA CYS A 479 -24.07 21.97 29.26
C CYS A 479 -25.06 20.83 29.01
N LEU A 480 -24.92 20.15 27.86
CA LEU A 480 -25.83 19.06 27.54
C LEU A 480 -25.80 17.97 28.60
N LYS A 481 -24.62 17.66 29.14
CA LYS A 481 -24.54 16.68 30.22
C LYS A 481 -25.30 17.17 31.45
N ALA A 482 -25.22 18.46 31.75
CA ALA A 482 -25.93 18.98 32.92
C ALA A 482 -27.44 18.99 32.70
N ILE A 483 -27.88 19.37 31.50
CA ILE A 483 -29.30 19.41 31.18
C ILE A 483 -29.91 18.02 31.25
N ALA A 484 -29.16 17.01 30.83
CA ALA A 484 -29.64 15.63 30.89
C ALA A 484 -29.61 15.11 32.32
N LEU A 485 -28.61 15.51 33.10
CA LEU A 485 -28.46 15.02 34.46
C LEU A 485 -29.60 15.49 35.35
N PHE A 486 -29.91 16.79 35.29
CA PHE A 486 -30.94 17.38 36.15
C PHE A 486 -32.34 17.25 35.56
N THR A 487 -32.74 16.04 35.26
CA THR A 487 -34.05 15.87 34.63
C THR A 487 -35.10 15.57 35.68
N PRO A 488 -36.21 16.30 35.70
CA PRO A 488 -37.31 15.97 36.62
C PRO A 488 -38.08 14.71 36.25
N ASP A 489 -37.76 14.09 35.11
CA ASP A 489 -38.36 12.83 34.72
C ASP A 489 -37.86 11.67 35.57
N ALA A 490 -36.84 11.90 36.40
CA ALA A 490 -36.37 10.87 37.32
C ALA A 490 -37.47 10.56 38.33
N CYS A 491 -37.39 9.36 38.91
CA CYS A 491 -38.39 8.86 39.83
C CYS A 491 -37.97 9.05 41.28
N GLY A 492 -38.94 9.37 42.13
CA GLY A 492 -38.70 9.42 43.56
C GLY A 492 -37.84 10.58 44.01
N LEU A 493 -38.01 11.73 43.39
CA LEU A 493 -37.13 12.88 43.72
C LEU A 493 -37.80 13.83 44.72
N SER A 494 -37.18 13.97 45.90
CA SER A 494 -37.67 15.00 46.84
C SER A 494 -37.44 16.32 46.12
N ASP A 495 -38.30 17.29 46.37
CA ASP A 495 -38.21 18.57 45.68
C ASP A 495 -37.93 18.43 44.18
N PRO A 496 -38.88 17.91 43.40
CA PRO A 496 -38.69 17.91 41.94
C PRO A 496 -38.56 19.31 41.36
N ALA A 497 -39.17 20.30 42.02
CA ALA A 497 -39.09 21.67 41.55
C ALA A 497 -37.66 22.20 41.62
N HIS A 498 -36.92 21.83 42.67
CA HIS A 498 -35.53 22.25 42.76
C HIS A 498 -34.73 21.75 41.57
N VAL A 499 -34.99 20.52 41.14
CA VAL A 499 -34.26 19.95 40.02
C VAL A 499 -34.63 20.65 38.72
N GLU A 500 -35.89 21.05 38.58
CA GLU A 500 -36.30 21.82 37.40
C GLU A 500 -35.53 23.13 37.31
N SER A 501 -35.35 23.82 38.45
CA SER A 501 -34.61 25.07 38.44
C SER A 501 -33.13 24.85 38.16
N LEU A 502 -32.57 23.71 38.57
CA LEU A 502 -31.19 23.39 38.23
C LEU A 502 -31.06 23.15 36.72
N GLN A 503 -32.01 22.42 36.14
CA GLN A 503 -32.00 22.22 34.70
C GLN A 503 -32.16 23.53 33.96
N GLU A 504 -32.90 24.48 34.53
CA GLU A 504 -33.07 25.77 33.89
C GLU A 504 -31.75 26.56 33.91
N LYS A 505 -31.01 26.51 35.02
CA LYS A 505 -29.71 27.15 35.06
C LYS A 505 -28.81 26.63 33.95
N ALA A 506 -28.83 25.32 33.74
CA ALA A 506 -28.05 24.73 32.66
C ALA A 506 -28.62 25.12 31.30
N GLN A 507 -29.95 25.19 31.20
CA GLN A 507 -30.57 25.65 29.95
C GLN A 507 -30.15 27.08 29.64
N VAL A 508 -30.21 27.97 30.62
CA VAL A 508 -29.78 29.35 30.43
C VAL A 508 -28.28 29.40 30.10
N ALA A 509 -27.49 28.56 30.76
CA ALA A 509 -26.06 28.53 30.48
C ALA A 509 -25.81 28.23 29.01
N LEU A 510 -26.55 27.27 28.44
CA LEU A 510 -26.36 26.90 27.02
C LEU A 510 -26.83 28.07 26.16
N THR A 511 -27.94 28.68 26.53
CA THR A 511 -28.46 29.80 25.76
C THR A 511 -27.44 30.92 25.69
N GLU A 512 -26.88 31.31 26.84
CA GLU A 512 -25.90 32.39 26.85
C GLU A 512 -24.67 32.02 26.03
N TYR A 513 -24.23 30.76 26.11
CA TYR A 513 -23.02 30.35 25.41
C TYR A 513 -23.20 30.44 23.90
N VAL A 514 -24.25 29.84 23.37
CA VAL A 514 -24.43 29.76 21.91
C VAL A 514 -24.70 31.14 21.32
N ARG A 515 -25.47 31.98 22.04
CA ARG A 515 -25.75 33.33 21.55
C ARG A 515 -24.47 34.12 21.37
N ALA A 516 -23.52 33.98 22.30
CA ALA A 516 -22.24 34.67 22.23
C ALA A 516 -21.29 34.02 21.23
N GLN A 517 -21.19 32.68 21.27
CA GLN A 517 -20.17 31.96 20.53
C GLN A 517 -20.56 31.69 19.07
N TYR A 518 -21.86 31.61 18.78
CA TYR A 518 -22.32 31.30 17.43
C TYR A 518 -23.47 32.23 17.06
N PRO A 519 -23.24 33.54 17.06
CA PRO A 519 -24.35 34.47 16.85
C PRO A 519 -25.00 34.34 15.48
N SER A 520 -24.26 33.82 14.49
CA SER A 520 -24.80 33.59 13.16
C SER A 520 -25.64 32.33 13.06
N GLN A 521 -25.70 31.53 14.13
CA GLN A 521 -26.61 30.39 14.22
C GLN A 521 -27.64 30.66 15.31
N PRO A 522 -28.70 31.45 15.03
CA PRO A 522 -29.65 31.80 16.08
C PRO A 522 -30.46 30.59 16.53
N GLN A 523 -30.42 29.51 15.78
CA GLN A 523 -31.22 28.33 16.10
C GLN A 523 -30.42 27.22 16.77
N ARG A 524 -29.17 27.46 17.14
CA ARG A 524 -28.31 26.37 17.61
C ARG A 524 -28.81 25.82 18.94
N PHE A 525 -29.25 26.70 19.85
CA PHE A 525 -29.75 26.23 21.15
C PHE A 525 -30.81 25.14 21.04
N GLY A 526 -31.99 25.49 20.50
CA GLY A 526 -33.01 24.48 20.27
C GLY A 526 -32.50 23.29 19.45
N ARG A 527 -31.71 23.57 18.41
CA ARG A 527 -31.15 22.47 17.60
C ARG A 527 -30.42 21.51 18.54
N LEU A 528 -29.62 22.05 19.46
CA LEU A 528 -28.87 21.16 20.34
C LEU A 528 -29.82 20.40 21.21
N LEU A 529 -30.81 21.07 21.81
CA LEU A 529 -31.76 20.37 22.67
C LEU A 529 -32.51 19.27 21.93
N LEU A 530 -32.63 19.39 20.61
CA LEU A 530 -33.42 18.39 19.84
C LEU A 530 -32.62 17.10 19.70
N ARG A 531 -31.38 17.07 20.17
CA ARG A 531 -30.60 15.83 20.18
C ARG A 531 -30.85 14.99 21.42
N LEU A 532 -31.45 15.57 22.45
CA LEU A 532 -31.68 14.92 23.74
C LEU A 532 -32.69 13.77 23.64
N PRO A 533 -33.80 13.88 22.90
CA PRO A 533 -34.72 12.74 22.82
C PRO A 533 -34.06 11.46 22.35
N ALA A 534 -33.05 11.55 21.48
CA ALA A 534 -32.34 10.35 21.06
C ALA A 534 -31.41 9.83 22.14
N LEU A 535 -30.94 10.71 23.04
CA LEU A 535 -30.13 10.29 24.18
C LEU A 535 -30.89 9.33 25.07
N ARG A 536 -32.14 9.66 25.35
CA ARG A 536 -32.89 8.79 26.26
C ARG A 536 -33.27 7.47 25.57
N ALA A 537 -33.37 7.48 24.25
CA ALA A 537 -33.84 6.29 23.54
C ALA A 537 -32.79 5.17 23.53
N VAL A 538 -31.51 5.51 23.64
CA VAL A 538 -30.45 4.51 23.79
C VAL A 538 -30.67 3.77 25.10
N PRO A 539 -31.02 2.48 25.07
CA PRO A 539 -31.27 1.76 26.32
C PRO A 539 -29.97 1.48 27.05
N ALA A 540 -30.05 1.51 28.38
CA ALA A 540 -28.89 1.16 29.19
C ALA A 540 -28.45 -0.29 28.97
N SER A 541 -29.40 -1.17 28.62
CA SER A 541 -29.04 -2.57 28.37
C SER A 541 -28.19 -2.72 27.12
N LEU A 542 -28.36 -1.81 26.14
CA LEU A 542 -27.56 -1.85 24.92
C LEU A 542 -26.12 -1.49 25.21
N ILE A 543 -25.91 -0.51 26.09
CA ILE A 543 -24.56 -0.13 26.48
C ILE A 543 -23.87 -1.29 27.18
N SER A 544 -24.56 -1.92 28.14
CA SER A 544 -24.01 -3.09 28.82
C SER A 544 -23.73 -4.24 27.84
N GLN A 545 -24.66 -4.52 26.93
CA GLN A 545 -24.47 -5.61 25.99
C GLN A 545 -23.22 -5.43 25.14
N LEU A 546 -22.93 -4.18 24.77
CA LEU A 546 -21.81 -3.94 23.83
C LEU A 546 -20.48 -3.67 24.53
N PHE A 547 -20.46 -3.42 25.84
CA PHE A 547 -19.19 -3.03 26.45
C PHE A 547 -18.89 -3.69 27.78
N PHE A 548 -19.91 -4.03 28.56
CA PHE A 548 -19.69 -4.43 29.95
C PHE A 548 -20.19 -5.83 30.27
N MET A 549 -20.77 -6.56 29.32
CA MET A 549 -21.27 -7.90 29.62
C MET A 549 -20.16 -8.79 30.13
N ARG A 550 -18.98 -8.75 29.49
CA ARG A 550 -17.88 -9.62 29.90
C ARG A 550 -17.39 -9.28 31.30
N LEU A 551 -17.57 -8.03 31.73
CA LEU A 551 -17.03 -7.58 33.01
C LEU A 551 -18.03 -7.70 34.16
N VAL A 552 -19.30 -7.42 33.93
CA VAL A 552 -20.28 -7.39 35.01
C VAL A 552 -21.42 -8.36 34.80
N GLY A 553 -21.37 -9.17 33.75
CA GLY A 553 -22.43 -10.10 33.42
C GLY A 553 -23.84 -9.54 33.53
N LYS A 554 -24.69 -10.24 34.29
CA LYS A 554 -26.08 -9.87 34.43
C LYS A 554 -26.29 -8.58 35.23
N THR A 555 -25.32 -8.19 36.07
CA THR A 555 -25.52 -7.09 37.01
C THR A 555 -25.77 -5.78 36.29
N PRO A 556 -26.82 -5.03 36.65
CA PRO A 556 -27.14 -3.76 35.96
C PRO A 556 -26.24 -2.59 36.39
N ILE A 557 -25.77 -1.82 35.42
CA ILE A 557 -24.80 -0.73 35.73
C ILE A 557 -25.42 0.15 36.82
N GLU A 558 -26.69 0.48 36.66
CA GLU A 558 -27.39 1.35 37.64
C GLU A 558 -26.94 0.94 39.04
N THR A 559 -27.09 -0.33 39.39
CA THR A 559 -26.76 -0.72 40.78
C THR A 559 -25.30 -0.37 41.04
N LEU A 560 -24.43 -0.75 40.12
CA LEU A 560 -22.99 -0.52 40.28
C LEU A 560 -22.68 0.97 40.38
N ILE A 561 -23.41 1.81 39.62
CA ILE A 561 -23.17 3.26 39.67
C ILE A 561 -23.56 3.83 41.03
N ARG A 562 -24.67 3.36 41.58
CA ARG A 562 -25.09 3.82 42.93
C ARG A 562 -23.91 3.56 43.87
N ASP A 563 -23.34 2.37 43.80
CA ASP A 563 -22.19 2.05 44.63
C ASP A 563 -21.08 3.08 44.46
N MET A 564 -20.66 3.34 43.21
CA MET A 564 -19.63 4.35 42.95
C MET A 564 -20.01 5.69 43.55
N LEU A 565 -21.23 6.15 43.30
CA LEU A 565 -21.66 7.46 43.85
C LEU A 565 -21.64 7.39 45.37
N LEU A 566 -22.16 6.31 45.96
CA LEU A 566 -22.23 6.31 47.45
C LEU A 566 -21.08 5.50 48.06
N SER A 567 -20.03 5.21 47.30
CA SER A 567 -18.88 4.54 47.92
C SER A 567 -18.08 5.50 48.78
N GLY A 568 -17.78 6.69 48.23
CA GLY A 568 -16.97 7.67 48.93
C GLY A 568 -17.66 9.02 48.96
N GLY B 1 31.94 17.09 -11.91
CA GLY B 1 32.43 17.84 -10.77
C GLY B 1 32.57 17.03 -9.50
N LYS B 2 32.45 17.70 -8.34
CA LYS B 2 32.76 17.07 -7.08
C LYS B 2 32.01 17.78 -5.96
N ILE B 3 31.95 17.11 -4.80
CA ILE B 3 31.20 17.56 -3.64
C ILE B 3 32.22 18.08 -2.61
N GLU B 4 31.91 19.24 -2.03
CA GLU B 4 32.83 19.89 -1.09
C GLU B 4 32.84 19.18 0.27
N GLU B 5 34.05 19.02 0.82
CA GLU B 5 34.26 18.39 2.12
C GLU B 5 34.36 19.46 3.21
N GLY B 6 33.81 19.15 4.39
CA GLY B 6 33.81 20.06 5.51
C GLY B 6 32.52 20.83 5.70
N LYS B 7 31.49 20.52 4.92
CA LYS B 7 30.19 21.18 5.02
C LYS B 7 29.12 20.21 4.56
N LEU B 8 27.86 20.60 4.75
CA LEU B 8 26.73 19.78 4.34
C LEU B 8 25.83 20.59 3.41
N VAL B 9 25.52 20.02 2.24
CA VAL B 9 24.56 20.55 1.30
C VAL B 9 23.37 19.60 1.27
N ILE B 10 22.17 20.14 1.48
CA ILE B 10 20.94 19.36 1.62
C ILE B 10 19.92 19.84 0.59
N TRP B 11 19.28 18.89 -0.09
CA TRP B 11 18.21 19.19 -1.02
C TRP B 11 16.89 18.66 -0.49
N ILE B 12 15.90 19.54 -0.43
CA ILE B 12 14.57 19.19 0.02
C ILE B 12 13.59 19.94 -0.86
N ASN B 13 12.40 19.38 -1.03
CA ASN B 13 11.40 19.96 -1.92
C ASN B 13 10.90 21.30 -1.36
N GLY B 14 10.48 22.18 -2.27
CA GLY B 14 10.10 23.54 -1.92
C GLY B 14 8.77 23.67 -1.20
N ASP B 15 7.92 22.63 -1.25
CA ASP B 15 6.71 22.67 -0.45
C ASP B 15 6.96 22.24 0.99
N LYS B 16 8.15 21.75 1.30
CA LYS B 16 8.50 21.34 2.65
C LYS B 16 9.11 22.51 3.42
N GLY B 17 9.36 22.28 4.70
CA GLY B 17 9.85 23.31 5.59
C GLY B 17 11.37 23.46 5.64
N TYR B 18 11.97 23.94 4.54
CA TYR B 18 13.41 24.08 4.45
C TYR B 18 13.96 25.12 5.42
N ASN B 19 13.15 26.12 5.81
CA ASN B 19 13.63 27.12 6.76
C ASN B 19 13.73 26.54 8.17
N GLY B 20 12.76 25.70 8.57
CA GLY B 20 12.91 24.96 9.81
C GLY B 20 14.10 24.02 9.76
N LEU B 21 14.30 23.38 8.62
CA LEU B 21 15.45 22.50 8.46
C LEU B 21 16.75 23.30 8.51
N ALA B 22 16.76 24.50 7.92
CA ALA B 22 17.94 25.35 8.01
C ALA B 22 18.21 25.80 9.44
N GLU B 23 17.18 25.89 10.26
CA GLU B 23 17.39 26.21 11.66
C GLU B 23 18.14 25.09 12.36
N VAL B 24 17.76 23.83 12.07
CA VAL B 24 18.51 22.68 12.57
C VAL B 24 19.94 22.74 12.06
N GLY B 25 20.14 23.17 10.80
CA GLY B 25 21.48 23.37 10.30
C GLY B 25 22.27 24.38 11.11
N LYS B 26 21.62 25.47 11.55
CA LYS B 26 22.30 26.46 12.37
C LYS B 26 22.69 25.87 13.73
N LYS B 27 21.82 25.05 14.32
CA LYS B 27 22.19 24.39 15.56
C LYS B 27 23.39 23.46 15.34
N PHE B 28 23.37 22.72 14.24
CA PHE B 28 24.51 21.87 13.91
C PHE B 28 25.78 22.69 13.72
N GLU B 29 25.68 23.79 12.95
CA GLU B 29 26.83 24.67 12.77
C GLU B 29 27.34 25.22 14.10
N LYS B 30 26.42 25.60 15.00
CA LYS B 30 26.81 26.16 16.29
C LYS B 30 27.63 25.16 17.12
N ASP B 31 27.21 23.89 17.12
CA ASP B 31 27.91 22.88 17.92
C ASP B 31 29.20 22.39 17.28
N THR B 32 29.23 22.34 15.95
CA THR B 32 30.37 21.69 15.26
C THR B 32 31.18 22.63 14.37
N GLY B 33 30.65 23.79 14.01
CA GLY B 33 31.31 24.65 13.06
C GLY B 33 31.12 24.25 11.61
N ILE B 34 30.30 23.25 11.34
CA ILE B 34 30.09 22.75 9.99
C ILE B 34 28.91 23.49 9.35
N LYS B 35 29.17 24.13 8.21
CA LYS B 35 28.12 24.87 7.51
C LYS B 35 27.14 23.91 6.87
N VAL B 36 25.86 24.18 7.07
CA VAL B 36 24.79 23.37 6.47
C VAL B 36 23.98 24.31 5.60
N THR B 37 23.98 24.04 4.30
CA THR B 37 23.24 24.84 3.33
C THR B 37 22.07 24.02 2.82
N VAL B 38 20.87 24.49 3.07
CA VAL B 38 19.65 23.83 2.58
C VAL B 38 19.22 24.51 1.29
N GLU B 39 18.86 23.71 0.30
CA GLU B 39 18.43 24.23 -0.99
C GLU B 39 17.19 23.46 -1.43
N HIS B 40 16.32 24.15 -2.18
CA HIS B 40 15.09 23.56 -2.72
C HIS B 40 15.03 23.75 -4.23
N PRO B 41 15.90 23.05 -5.00
CA PRO B 41 15.83 23.15 -6.47
C PRO B 41 14.54 22.59 -7.04
N ASP B 42 14.15 23.13 -8.20
CA ASP B 42 13.02 22.60 -8.96
C ASP B 42 13.35 21.24 -9.57
N LYS B 43 12.32 20.41 -9.67
CA LYS B 43 12.41 19.05 -10.24
C LYS B 43 13.63 18.32 -9.70
N LEU B 44 13.80 18.37 -8.37
CA LEU B 44 15.00 17.79 -7.76
C LEU B 44 14.97 16.28 -7.75
N GLU B 45 13.78 15.66 -7.81
CA GLU B 45 13.71 14.20 -7.92
C GLU B 45 14.31 13.72 -9.24
N GLU B 46 14.30 14.57 -10.27
CA GLU B 46 14.98 14.33 -11.53
C GLU B 46 16.41 14.88 -11.53
N LYS B 47 16.63 16.02 -10.90
CA LYS B 47 17.97 16.61 -10.87
C LYS B 47 18.95 15.73 -10.13
N PHE B 48 18.55 15.20 -8.96
CA PHE B 48 19.48 14.39 -8.15
C PHE B 48 20.07 13.20 -8.90
N PRO B 49 19.28 12.32 -9.56
CA PRO B 49 19.92 11.21 -10.30
C PRO B 49 20.81 11.67 -11.43
N GLN B 50 20.54 12.83 -12.05
CA GLN B 50 21.38 13.33 -13.13
C GLN B 50 22.75 13.79 -12.61
N VAL B 51 22.76 14.63 -11.58
CA VAL B 51 24.02 15.19 -11.07
C VAL B 51 24.78 14.16 -10.23
N ALA B 52 24.07 13.33 -9.46
CA ALA B 52 24.74 12.32 -8.65
C ALA B 52 25.37 11.22 -9.49
N ALA B 53 24.90 11.04 -10.74
CA ALA B 53 25.52 10.07 -11.64
C ALA B 53 26.96 10.45 -11.96
N THR B 54 27.29 11.75 -11.92
CA THR B 54 28.62 12.23 -12.23
C THR B 54 29.46 12.50 -10.98
N GLY B 55 29.01 12.06 -9.81
CA GLY B 55 29.72 12.33 -8.57
C GLY B 55 29.46 13.68 -7.95
N ASP B 56 28.32 14.29 -8.50
CA ASP B 56 27.97 15.66 -8.03
C ASP B 56 26.71 15.61 -7.18
N GLY B 57 26.21 16.78 -6.76
CA GLY B 57 24.94 16.86 -6.07
C GLY B 57 25.11 17.13 -4.60
N PRO B 58 24.01 17.08 -3.87
CA PRO B 58 24.05 17.40 -2.44
C PRO B 58 24.61 16.23 -1.65
N ASP B 59 24.91 16.49 -0.37
CA ASP B 59 25.31 15.41 0.52
C ASP B 59 24.10 14.60 0.98
N ILE B 60 22.97 15.27 1.22
CA ILE B 60 21.75 14.64 1.70
C ILE B 60 20.62 15.02 0.75
N ILE B 61 19.83 14.03 0.34
CA ILE B 61 18.66 14.24 -0.51
C ILE B 61 17.41 13.86 0.28
N PHE B 62 16.42 14.75 0.28
CA PHE B 62 15.12 14.51 0.89
C PHE B 62 14.08 14.29 -0.19
N TRP B 63 13.35 13.19 -0.09
CA TRP B 63 12.21 12.94 -0.94
C TRP B 63 11.40 11.80 -0.33
N ALA B 64 10.19 11.60 -0.85
CA ALA B 64 9.42 10.43 -0.51
C ALA B 64 10.18 9.17 -0.91
N HIS B 65 9.92 8.08 -0.18
CA HIS B 65 10.75 6.88 -0.28
C HIS B 65 10.65 6.21 -1.65
N ASP B 66 9.61 6.50 -2.44
CA ASP B 66 9.38 5.74 -3.68
C ASP B 66 10.47 5.97 -4.73
N ARG B 67 11.20 7.08 -4.65
CA ARG B 67 12.24 7.35 -5.63
C ARG B 67 13.60 6.80 -5.20
N PHE B 68 13.71 6.24 -4.00
CA PHE B 68 15.02 5.88 -3.48
C PHE B 68 15.51 4.51 -3.92
N GLY B 69 14.60 3.57 -4.21
CA GLY B 69 15.04 2.28 -4.76
C GLY B 69 15.69 2.43 -6.12
N GLY B 70 15.11 3.28 -6.98
CA GLY B 70 15.79 3.61 -8.22
C GLY B 70 17.16 4.22 -8.00
N TYR B 71 17.25 5.19 -7.08
CA TYR B 71 18.54 5.79 -6.75
C TYR B 71 19.54 4.74 -6.28
N ALA B 72 19.12 3.86 -5.37
CA ALA B 72 20.02 2.84 -4.85
C ALA B 72 20.43 1.85 -5.94
N GLN B 73 19.49 1.49 -6.83
CA GLN B 73 19.83 0.62 -7.96
C GLN B 73 20.94 1.22 -8.79
N SER B 74 20.86 2.51 -9.10
CA SER B 74 21.89 3.22 -9.86
C SER B 74 23.14 3.51 -9.04
N GLY B 75 23.25 3.01 -7.80
CA GLY B 75 24.43 3.19 -7.00
C GLY B 75 24.60 4.59 -6.43
N LEU B 76 23.55 5.38 -6.41
CA LEU B 76 23.66 6.79 -6.04
C LEU B 76 23.57 7.04 -4.54
N LEU B 77 23.20 6.03 -3.74
CA LEU B 77 22.93 6.25 -2.33
C LEU B 77 23.88 5.43 -1.46
N ALA B 78 24.39 6.05 -0.41
CA ALA B 78 25.17 5.32 0.57
C ALA B 78 24.23 4.53 1.47
N GLU B 79 24.57 3.27 1.69
CA GLU B 79 23.86 2.46 2.66
C GLU B 79 24.11 3.01 4.05
N ILE B 80 23.01 3.25 4.76
CA ILE B 80 23.08 3.79 6.13
C ILE B 80 23.18 2.62 7.10
N THR B 81 23.85 2.84 8.23
CA THR B 81 24.04 1.79 9.24
C THR B 81 23.86 2.40 10.62
N PRO B 82 22.64 2.74 11.00
CA PRO B 82 22.40 3.20 12.36
C PRO B 82 22.46 2.04 13.35
N ALA B 83 22.98 2.32 14.54
CA ALA B 83 22.96 1.35 15.61
C ALA B 83 21.53 0.91 15.91
N ALA B 84 21.42 -0.28 16.50
CA ALA B 84 20.10 -0.78 16.89
C ALA B 84 19.41 0.19 17.85
N ALA B 85 20.18 0.82 18.74
CA ALA B 85 19.60 1.76 19.69
C ALA B 85 18.91 2.93 18.98
N PHE B 86 19.51 3.41 17.88
CA PHE B 86 18.86 4.47 17.12
C PHE B 86 17.65 3.95 16.37
N GLN B 87 17.78 2.80 15.70
CA GLN B 87 16.67 2.25 14.95
C GLN B 87 15.44 2.06 15.83
N ASP B 88 15.68 1.74 17.10
CA ASP B 88 14.55 1.47 18.02
C ASP B 88 13.72 2.73 18.20
N LYS B 89 14.31 3.90 17.96
CA LYS B 89 13.61 5.18 18.12
C LYS B 89 12.60 5.46 17.02
N LEU B 90 12.64 4.71 15.91
CA LEU B 90 11.76 4.91 14.76
C LEU B 90 10.84 3.71 14.57
N TYR B 91 9.62 3.98 14.10
CA TYR B 91 8.64 2.92 13.89
C TYR B 91 9.14 1.94 12.85
N PRO B 92 9.06 0.63 13.09
CA PRO B 92 9.56 -0.35 12.11
C PRO B 92 9.01 -0.18 10.70
N PHE B 93 7.71 0.10 10.54
CA PHE B 93 7.18 0.22 9.19
C PHE B 93 7.76 1.41 8.44
N THR B 94 8.28 2.41 9.14
CA THR B 94 8.99 3.49 8.44
C THR B 94 10.33 3.00 7.92
N TRP B 95 11.00 2.11 8.68
CA TRP B 95 12.23 1.50 8.17
C TRP B 95 11.95 0.61 6.96
N ASP B 96 10.83 -0.09 6.96
CA ASP B 96 10.47 -0.94 5.83
C ASP B 96 10.41 -0.15 4.54
N ALA B 97 9.91 1.09 4.60
CA ALA B 97 9.78 1.91 3.40
C ALA B 97 11.12 2.28 2.81
N VAL B 98 12.18 2.31 3.60
CA VAL B 98 13.49 2.74 3.13
C VAL B 98 14.45 1.55 3.07
N ARG B 99 13.95 0.33 3.06
CA ARG B 99 14.76 -0.87 2.89
C ARG B 99 14.60 -1.35 1.45
N TYR B 100 15.74 -1.64 0.82
CA TYR B 100 15.76 -2.05 -0.58
C TYR B 100 16.80 -3.14 -0.75
N ASN B 101 16.36 -4.30 -1.24
CA ASN B 101 17.18 -5.50 -1.29
C ASN B 101 17.93 -5.72 0.04
N GLY B 102 17.19 -5.65 1.14
CA GLY B 102 17.75 -5.90 2.45
C GLY B 102 18.66 -4.83 3.03
N LYS B 103 18.79 -3.72 2.32
CA LYS B 103 19.72 -2.67 2.77
C LYS B 103 18.98 -1.37 3.06
N LEU B 104 19.14 -0.84 4.27
CA LEU B 104 18.60 0.49 4.57
C LEU B 104 19.36 1.53 3.76
N ILE B 105 18.62 2.31 2.96
CA ILE B 105 19.21 3.24 2.01
C ILE B 105 18.86 4.69 2.31
N ALA B 106 18.11 4.96 3.37
CA ALA B 106 17.70 6.31 3.73
C ALA B 106 17.17 6.31 5.15
N TYR B 107 17.21 7.48 5.79
CA TYR B 107 16.58 7.66 7.09
C TYR B 107 15.14 8.10 6.87
N PRO B 108 14.14 7.37 7.39
CA PRO B 108 12.76 7.83 7.26
C PRO B 108 12.49 8.97 8.24
N ILE B 109 11.67 9.93 7.82
CA ILE B 109 11.43 11.13 8.68
C ILE B 109 9.94 11.20 9.03
N ALA B 110 9.05 11.13 8.05
CA ALA B 110 7.65 11.33 8.36
C ALA B 110 6.80 10.65 7.31
N VAL B 111 5.59 10.28 7.70
CA VAL B 111 4.61 9.66 6.82
C VAL B 111 3.62 10.71 6.35
N GLU B 112 3.44 10.83 5.05
CA GLU B 112 2.59 11.86 4.48
C GLU B 112 1.48 11.21 3.66
N ALA B 113 0.25 11.68 3.84
CA ALA B 113 -0.88 11.19 3.08
C ALA B 113 -1.78 12.37 2.75
N LEU B 114 -2.42 12.30 1.60
CA LEU B 114 -3.35 13.35 1.20
C LEU B 114 -4.64 13.22 1.99
N SER B 115 -5.20 14.35 2.38
CA SER B 115 -6.53 14.39 2.98
C SER B 115 -7.40 15.41 2.26
N LEU B 116 -8.70 15.33 2.52
CA LEU B 116 -9.65 16.35 2.10
C LEU B 116 -9.58 17.52 3.07
N ILE B 117 -9.12 18.66 2.59
CA ILE B 117 -9.09 19.91 3.34
C ILE B 117 -10.28 20.74 2.91
N TYR B 118 -11.03 21.24 3.87
CA TYR B 118 -12.27 21.94 3.58
C TYR B 118 -12.43 23.16 4.46
N ASN B 119 -13.13 24.15 3.93
CA ASN B 119 -13.42 25.39 4.64
C ASN B 119 -14.69 25.21 5.46
N LYS B 120 -14.57 25.36 6.79
CA LYS B 120 -15.70 25.06 7.68
C LYS B 120 -16.80 26.11 7.63
N ASP B 121 -16.45 27.35 7.24
CA ASP B 121 -17.47 28.40 7.14
C ASP B 121 -18.29 28.26 5.87
N LEU B 122 -17.67 27.84 4.77
CA LEU B 122 -18.34 27.64 3.50
C LEU B 122 -18.93 26.25 3.36
N LEU B 123 -18.69 25.36 4.32
CA LEU B 123 -19.05 23.97 4.20
C LEU B 123 -18.90 23.28 5.55
N PRO B 124 -19.82 23.49 6.48
CA PRO B 124 -19.65 22.88 7.82
C PRO B 124 -19.59 21.36 7.78
N ASN B 125 -20.24 20.73 6.81
CA ASN B 125 -20.24 19.27 6.69
C ASN B 125 -19.77 18.86 5.30
N PRO B 126 -18.51 18.42 5.18
CA PRO B 126 -18.00 18.11 3.84
C PRO B 126 -18.62 16.80 3.30
N PRO B 127 -18.67 16.66 1.99
CA PRO B 127 -19.31 15.47 1.40
C PRO B 127 -18.53 14.20 1.70
N LYS B 128 -19.25 13.11 1.92
CA LYS B 128 -18.57 11.82 2.24
C LYS B 128 -18.32 11.03 0.95
N THR B 129 -18.92 11.46 -0.16
CA THR B 129 -18.73 10.76 -1.42
C THR B 129 -18.33 11.76 -2.50
N TRP B 130 -17.58 11.26 -3.49
CA TRP B 130 -17.22 12.05 -4.66
C TRP B 130 -18.45 12.41 -5.50
N GLU B 131 -19.52 11.65 -5.39
CA GLU B 131 -20.71 11.84 -6.20
C GLU B 131 -21.56 13.03 -5.74
N GLU B 132 -21.41 13.46 -4.49
CA GLU B 132 -22.12 14.64 -4.01
C GLU B 132 -21.52 15.94 -4.54
N ILE B 133 -20.27 15.91 -5.01
CA ILE B 133 -19.53 17.12 -5.36
C ILE B 133 -20.26 17.97 -6.39
N PRO B 134 -20.64 17.43 -7.57
CA PRO B 134 -21.25 18.30 -8.59
C PRO B 134 -22.48 19.06 -8.09
N ALA B 135 -23.38 18.40 -7.35
CA ALA B 135 -24.51 19.12 -6.78
C ALA B 135 -24.04 20.22 -5.84
N LEU B 136 -23.02 19.92 -5.03
CA LEU B 136 -22.47 20.90 -4.11
C LEU B 136 -21.85 22.08 -4.86
N ASP B 137 -21.18 21.80 -5.98
CA ASP B 137 -20.59 22.88 -6.76
C ASP B 137 -21.68 23.77 -7.38
N LYS B 138 -22.74 23.18 -7.92
CA LYS B 138 -23.82 23.99 -8.48
C LYS B 138 -24.43 24.89 -7.42
N GLU B 139 -24.59 24.37 -6.20
CA GLU B 139 -25.10 25.18 -5.11
C GLU B 139 -24.14 26.32 -4.77
N LEU B 140 -22.84 26.02 -4.71
CA LEU B 140 -21.85 27.04 -4.36
C LEU B 140 -21.57 27.99 -5.52
N LYS B 141 -21.61 27.50 -6.77
CA LYS B 141 -21.37 28.38 -7.91
C LYS B 141 -22.30 29.58 -7.92
N ALA B 142 -23.53 29.40 -7.41
CA ALA B 142 -24.51 30.48 -7.31
C ALA B 142 -24.22 31.42 -6.15
N LYS B 143 -23.10 31.22 -5.45
CA LYS B 143 -22.66 32.12 -4.38
C LYS B 143 -21.25 32.65 -4.64
N GLY B 144 -20.76 32.55 -5.88
CA GLY B 144 -19.46 33.08 -6.22
C GLY B 144 -18.31 32.16 -5.91
N LYS B 145 -18.57 30.89 -5.61
CA LYS B 145 -17.56 29.96 -5.12
C LYS B 145 -17.62 28.66 -5.90
N SER B 146 -16.56 27.88 -5.76
CA SER B 146 -16.53 26.52 -6.29
C SER B 146 -16.45 25.53 -5.13
N ALA B 147 -16.68 24.26 -5.45
CA ALA B 147 -16.66 23.23 -4.43
C ALA B 147 -15.25 22.70 -4.19
N LEU B 148 -14.61 22.25 -5.27
CA LEU B 148 -13.30 21.58 -5.11
C LEU B 148 -12.27 22.09 -6.11
N MET B 149 -11.06 22.30 -5.64
CA MET B 149 -9.94 22.71 -6.49
C MET B 149 -8.69 22.04 -5.95
N PHE B 150 -8.10 21.14 -6.73
CA PHE B 150 -6.81 20.59 -6.34
C PHE B 150 -5.92 20.45 -7.57
N ASN B 151 -4.64 20.22 -7.31
CA ASN B 151 -3.63 20.15 -8.36
C ASN B 151 -3.90 18.97 -9.29
N LEU B 152 -4.19 19.28 -10.57
CA LEU B 152 -4.49 18.26 -11.57
C LEU B 152 -3.29 17.90 -12.43
N GLN B 153 -2.17 18.59 -12.25
CA GLN B 153 -0.98 18.32 -13.06
C GLN B 153 -0.19 17.13 -12.51
N GLU B 154 -0.20 16.93 -11.22
CA GLU B 154 0.56 15.83 -10.66
C GLU B 154 -0.37 14.65 -10.38
N PRO B 155 0.00 13.43 -10.80
CA PRO B 155 -0.92 12.30 -10.61
C PRO B 155 -1.08 11.85 -9.17
N TYR B 156 -0.14 12.17 -8.28
CA TYR B 156 -0.26 11.98 -6.84
C TYR B 156 -1.65 12.36 -6.35
N PHE B 157 -2.16 13.49 -6.84
CA PHE B 157 -3.38 14.08 -6.31
C PHE B 157 -4.64 13.46 -6.92
N THR B 158 -4.53 12.86 -8.11
CA THR B 158 -5.69 12.22 -8.71
C THR B 158 -5.69 10.71 -8.51
N TRP B 159 -4.54 10.15 -8.18
CA TRP B 159 -4.45 8.69 -7.94
C TRP B 159 -5.49 8.24 -6.91
N PRO B 160 -5.67 8.88 -5.73
CA PRO B 160 -6.64 8.38 -4.78
C PRO B 160 -7.96 7.98 -5.45
N LEU B 161 -8.46 8.79 -6.38
CA LEU B 161 -9.76 8.53 -7.02
C LEU B 161 -9.61 7.36 -7.99
N ILE B 162 -8.58 7.42 -8.83
CA ILE B 162 -8.36 6.35 -9.80
C ILE B 162 -8.28 5.00 -9.09
N ALA B 163 -7.58 4.95 -7.97
CA ALA B 163 -7.36 3.69 -7.27
C ALA B 163 -8.60 3.21 -6.52
N ALA B 164 -9.47 4.13 -6.08
CA ALA B 164 -10.63 3.80 -5.25
C ALA B 164 -11.40 2.57 -5.72
N ASP B 165 -11.68 2.49 -7.02
CA ASP B 165 -12.54 1.45 -7.58
C ASP B 165 -11.75 0.27 -8.14
N GLY B 166 -10.43 0.29 -8.07
CA GLY B 166 -9.68 -0.85 -8.55
C GLY B 166 -8.32 -0.58 -9.17
N GLY B 167 -8.00 0.67 -9.49
CA GLY B 167 -6.66 0.97 -9.96
C GLY B 167 -5.62 0.60 -8.92
N TYR B 168 -4.48 0.05 -9.36
CA TYR B 168 -3.52 -0.43 -8.32
C TYR B 168 -2.04 -0.42 -8.71
N ALA B 169 -1.64 0.14 -9.85
CA ALA B 169 -0.17 0.18 -10.12
C ALA B 169 0.41 -1.23 -10.13
N PHE B 170 1.29 -1.56 -9.18
CA PHE B 170 1.97 -2.89 -9.18
C PHE B 170 1.39 -3.81 -8.11
N LYS B 171 1.04 -5.04 -8.48
CA LYS B 171 0.46 -6.00 -7.54
C LYS B 171 1.51 -6.57 -6.58
N TYR B 172 1.19 -6.55 -5.29
CA TYR B 172 2.02 -7.18 -4.28
C TYR B 172 1.68 -8.67 -4.23
N ALA B 173 2.64 -9.52 -4.59
CA ALA B 173 2.38 -10.95 -4.79
C ALA B 173 3.55 -11.75 -4.26
N ALA B 174 3.28 -12.63 -3.31
CA ALA B 174 4.31 -13.46 -2.68
C ALA B 174 5.41 -12.60 -2.05
N GLY B 175 4.99 -11.58 -1.31
CA GLY B 175 5.91 -10.78 -0.51
C GLY B 175 6.79 -9.84 -1.29
N LYS B 176 6.41 -9.52 -2.53
CA LYS B 176 7.18 -8.59 -3.36
C LYS B 176 6.30 -8.09 -4.49
N TYR B 177 6.68 -6.95 -5.05
CA TYR B 177 5.89 -6.32 -6.11
C TYR B 177 6.14 -7.02 -7.43
N ASP B 178 5.07 -7.21 -8.20
CA ASP B 178 5.14 -7.91 -9.49
C ASP B 178 5.15 -6.85 -10.59
N ILE B 179 6.32 -6.62 -11.21
CA ILE B 179 6.40 -5.68 -12.34
C ILE B 179 5.60 -6.11 -13.57
N LYS B 180 5.26 -7.40 -13.70
CA LYS B 180 4.42 -7.82 -14.83
C LYS B 180 2.96 -7.39 -14.65
N ASP B 181 2.46 -7.36 -13.40
CA ASP B 181 1.04 -7.12 -13.10
C ASP B 181 0.83 -5.65 -12.76
N VAL B 182 0.34 -4.88 -13.72
CA VAL B 182 0.06 -3.47 -13.53
C VAL B 182 -1.45 -3.24 -13.65
N GLY B 183 -1.97 -2.36 -12.80
CA GLY B 183 -3.40 -2.15 -12.75
C GLY B 183 -3.83 -0.77 -13.19
N VAL B 184 -3.17 -0.23 -14.21
CA VAL B 184 -3.41 1.14 -14.61
C VAL B 184 -4.58 1.29 -15.59
N ASP B 185 -4.98 0.23 -16.29
CA ASP B 185 -6.07 0.34 -17.26
C ASP B 185 -7.24 -0.60 -16.96
N ASN B 186 -7.32 -1.15 -15.75
CA ASN B 186 -8.47 -2.00 -15.42
C ASN B 186 -9.74 -1.16 -15.28
N ALA B 187 -10.88 -1.86 -15.16
CA ALA B 187 -12.17 -1.19 -15.10
C ALA B 187 -12.22 -0.10 -14.03
N GLY B 188 -11.68 -0.40 -12.84
CA GLY B 188 -11.74 0.57 -11.75
C GLY B 188 -10.97 1.83 -12.05
N ALA B 189 -9.77 1.69 -12.65
CA ALA B 189 -8.99 2.86 -13.01
C ALA B 189 -9.70 3.73 -14.03
N LYS B 190 -10.33 3.12 -15.04
CA LYS B 190 -11.10 3.88 -16.03
C LYS B 190 -12.28 4.58 -15.37
N ALA B 191 -12.93 3.92 -14.42
CA ALA B 191 -14.07 4.53 -13.74
C ALA B 191 -13.67 5.78 -12.99
N GLY B 192 -12.58 5.71 -12.22
CA GLY B 192 -12.11 6.87 -11.49
C GLY B 192 -11.74 8.04 -12.39
N LEU B 193 -10.92 7.77 -13.41
CA LEU B 193 -10.49 8.86 -14.27
C LEU B 193 -11.65 9.43 -15.07
N THR B 194 -12.63 8.61 -15.41
CA THR B 194 -13.80 9.13 -16.13
C THR B 194 -14.58 10.10 -15.26
N PHE B 195 -14.73 9.78 -13.97
CA PHE B 195 -15.42 10.69 -13.07
C PHE B 195 -14.69 12.02 -12.98
N LEU B 196 -13.36 11.96 -12.84
CA LEU B 196 -12.56 13.17 -12.82
C LEU B 196 -12.76 14.00 -14.09
N VAL B 197 -12.64 13.36 -15.25
CA VAL B 197 -12.83 14.06 -16.52
C VAL B 197 -14.25 14.62 -16.62
N ASP B 198 -15.23 13.87 -16.12
CA ASP B 198 -16.61 14.35 -16.16
C ASP B 198 -16.80 15.61 -15.32
N LEU B 199 -16.07 15.73 -14.20
CA LEU B 199 -16.12 16.95 -13.41
C LEU B 199 -15.60 18.15 -14.21
N ILE B 200 -14.66 17.90 -15.12
CA ILE B 200 -14.07 18.98 -15.92
C ILE B 200 -14.98 19.36 -17.09
N LYS B 201 -15.54 18.38 -17.80
CA LYS B 201 -16.52 18.65 -18.84
C LYS B 201 -17.66 19.50 -18.32
N ASN B 202 -18.20 19.14 -17.15
CA ASN B 202 -19.32 19.85 -16.54
C ASN B 202 -18.90 21.11 -15.80
N LYS B 203 -17.67 21.59 -16.02
CA LYS B 203 -17.19 22.85 -15.49
C LYS B 203 -17.25 22.93 -13.96
N HIS B 204 -17.25 21.77 -13.28
CA HIS B 204 -17.07 21.79 -11.84
C HIS B 204 -15.60 21.93 -11.46
N MET B 205 -14.70 21.63 -12.40
CA MET B 205 -13.27 21.75 -12.22
C MET B 205 -12.65 22.16 -13.54
N ASN B 206 -11.46 22.75 -13.45
CA ASN B 206 -10.74 23.26 -14.60
C ASN B 206 -9.46 22.45 -14.77
N ALA B 207 -9.26 21.93 -15.98
CA ALA B 207 -8.13 21.05 -16.27
C ALA B 207 -6.77 21.72 -16.06
N ASP B 208 -6.73 23.05 -16.03
CA ASP B 208 -5.43 23.75 -15.97
C ASP B 208 -4.95 23.91 -14.53
N THR B 209 -5.83 23.72 -13.54
CA THR B 209 -5.46 23.91 -12.15
C THR B 209 -4.20 23.15 -11.79
N ASP B 210 -3.31 23.83 -11.05
CA ASP B 210 -2.08 23.22 -10.57
C ASP B 210 -2.01 23.49 -9.07
N TYR B 211 -0.82 23.31 -8.49
CA TYR B 211 -0.67 23.52 -7.05
C TYR B 211 -0.94 24.97 -6.66
N SER B 212 -0.35 25.93 -7.38
CA SER B 212 -0.46 27.34 -6.99
C SER B 212 -1.91 27.83 -7.08
N ILE B 213 -2.62 27.48 -8.15
CA ILE B 213 -3.98 27.96 -8.32
C ILE B 213 -4.88 27.40 -7.21
N ALA B 214 -4.76 26.08 -6.96
CA ALA B 214 -5.57 25.42 -5.94
C ALA B 214 -5.30 25.99 -4.54
N GLU B 215 -4.02 26.13 -4.19
CA GLU B 215 -3.70 26.65 -2.86
C GLU B 215 -4.14 28.10 -2.70
N ALA B 216 -3.88 28.93 -3.71
CA ALA B 216 -4.34 30.32 -3.68
C ALA B 216 -5.86 30.38 -3.54
N ALA B 217 -6.56 29.61 -4.38
CA ALA B 217 -8.02 29.60 -4.33
C ALA B 217 -8.54 29.20 -2.96
N PHE B 218 -8.05 28.09 -2.40
CA PHE B 218 -8.55 27.65 -1.10
C PHE B 218 -8.22 28.69 -0.01
N ASN B 219 -6.98 29.17 0.01
CA ASN B 219 -6.55 30.06 1.08
C ASN B 219 -7.19 31.44 0.98
N LYS B 220 -7.65 31.84 -0.20
CA LYS B 220 -8.41 33.06 -0.36
C LYS B 220 -9.91 32.88 -0.10
N GLY B 221 -10.38 31.64 0.07
CA GLY B 221 -11.79 31.40 0.32
C GLY B 221 -12.65 31.29 -0.91
N GLU B 222 -12.05 31.18 -2.10
CA GLU B 222 -12.83 31.09 -3.33
C GLU B 222 -13.43 29.70 -3.52
N THR B 223 -12.82 28.68 -2.95
CA THR B 223 -13.28 27.31 -3.09
C THR B 223 -13.44 26.66 -1.71
N ALA B 224 -14.39 25.73 -1.63
CA ALA B 224 -14.74 25.13 -0.35
C ALA B 224 -13.81 23.98 0.05
N MET B 225 -13.22 23.33 -0.94
CA MET B 225 -12.41 22.14 -0.61
C MET B 225 -11.19 22.00 -1.51
N THR B 226 -10.13 21.41 -0.99
CA THR B 226 -8.96 21.07 -1.78
C THR B 226 -8.45 19.72 -1.29
N ILE B 227 -7.45 19.19 -1.99
CA ILE B 227 -6.81 17.93 -1.59
C ILE B 227 -5.31 18.19 -1.51
N ASN B 228 -4.73 17.96 -0.34
CA ASN B 228 -3.32 18.26 -0.13
C ASN B 228 -2.81 17.52 1.09
N GLY B 229 -1.50 17.60 1.30
CA GLY B 229 -0.84 16.95 2.42
C GLY B 229 -0.60 17.88 3.60
N PRO B 230 0.08 17.37 4.64
CA PRO B 230 0.26 18.17 5.86
C PRO B 230 1.11 19.42 5.65
N TRP B 231 2.06 19.38 4.70
CA TRP B 231 2.89 20.54 4.41
C TRP B 231 2.08 21.79 4.10
N ALA B 232 0.88 21.62 3.55
CA ALA B 232 0.04 22.75 3.15
C ALA B 232 -0.71 23.40 4.30
N TRP B 233 -0.68 22.79 5.49
CA TRP B 233 -1.48 23.33 6.60
C TRP B 233 -0.95 24.68 7.07
N SER B 234 0.36 24.90 7.01
CA SER B 234 0.93 26.16 7.50
C SER B 234 0.29 27.36 6.81
N ASN B 235 0.23 27.33 5.48
CA ASN B 235 -0.27 28.49 4.75
C ASN B 235 -1.75 28.73 4.99
N ILE B 236 -2.51 27.70 5.33
CA ILE B 236 -3.95 27.92 5.67
C ILE B 236 -3.99 28.56 7.05
N ASP B 237 -3.17 28.10 7.99
CA ASP B 237 -3.10 28.72 9.31
C ASP B 237 -2.89 30.23 9.20
N THR B 238 -1.90 30.66 8.41
CA THR B 238 -1.64 32.09 8.27
C THR B 238 -2.75 32.81 7.53
N SER B 239 -3.51 32.11 6.69
CA SER B 239 -4.58 32.74 5.95
C SER B 239 -5.84 32.85 6.81
N ALA B 240 -6.85 33.53 6.25
CA ALA B 240 -8.10 33.80 6.96
C ALA B 240 -8.95 32.54 7.17
N VAL B 241 -8.73 31.49 6.39
CA VAL B 241 -9.65 30.36 6.34
C VAL B 241 -9.65 29.62 7.67
N ASN B 242 -10.84 29.25 8.14
CA ASN B 242 -11.03 28.35 9.27
C ASN B 242 -11.40 26.98 8.70
N TYR B 243 -10.48 26.03 8.79
CA TYR B 243 -10.53 24.83 7.97
C TYR B 243 -10.50 23.56 8.82
N GLY B 244 -10.92 22.46 8.20
CA GLY B 244 -10.81 21.13 8.79
C GLY B 244 -10.04 20.19 7.89
N VAL B 245 -9.60 19.06 8.45
CA VAL B 245 -8.89 18.02 7.71
C VAL B 245 -9.61 16.71 7.96
N THR B 246 -10.07 16.06 6.88
CA THR B 246 -10.96 14.91 7.03
C THR B 246 -10.63 13.84 6.00
N VAL B 247 -11.35 12.71 6.12
CA VAL B 247 -11.20 11.60 5.19
C VAL B 247 -11.58 12.03 3.77
N LEU B 248 -10.82 11.55 2.80
CA LEU B 248 -11.17 11.79 1.42
C LEU B 248 -12.52 11.16 1.11
N PRO B 249 -13.29 11.74 0.19
CA PRO B 249 -14.61 11.18 -0.10
C PRO B 249 -14.47 9.82 -0.76
N THR B 250 -15.53 9.03 -0.65
CA THR B 250 -15.53 7.71 -1.28
C THR B 250 -15.99 7.83 -2.73
N PHE B 251 -15.59 6.85 -3.54
CA PHE B 251 -16.04 6.74 -4.91
C PHE B 251 -16.68 5.37 -5.11
N LYS B 252 -17.92 5.36 -5.60
CA LYS B 252 -18.70 4.14 -5.79
C LYS B 252 -18.69 3.30 -4.51
N GLY B 253 -18.86 3.97 -3.38
CA GLY B 253 -18.94 3.29 -2.10
C GLY B 253 -17.61 2.88 -1.50
N GLN B 254 -16.52 3.12 -2.20
CA GLN B 254 -15.20 2.64 -1.71
C GLN B 254 -14.33 3.81 -1.28
N PRO B 255 -13.43 3.65 -0.30
CA PRO B 255 -12.55 4.73 0.11
C PRO B 255 -11.59 5.09 -1.01
N SER B 256 -11.26 6.38 -1.09
CA SER B 256 -10.14 6.79 -1.92
C SER B 256 -8.86 6.23 -1.31
N LYS B 257 -7.93 5.84 -2.18
CA LYS B 257 -6.74 5.11 -1.74
C LYS B 257 -5.54 5.97 -2.10
N PRO B 258 -5.19 6.95 -1.27
CA PRO B 258 -4.02 7.78 -1.56
C PRO B 258 -2.76 6.95 -1.50
N PHE B 259 -1.79 7.34 -2.33
CA PHE B 259 -0.47 6.68 -2.29
C PHE B 259 0.28 7.35 -1.15
N VAL B 260 0.68 6.57 -0.16
CA VAL B 260 1.33 7.10 1.04
C VAL B 260 2.83 7.12 0.81
N GLY B 261 3.45 8.25 1.12
CA GLY B 261 4.90 8.39 1.06
C GLY B 261 5.51 8.59 2.42
N VAL B 262 6.76 8.13 2.56
CA VAL B 262 7.56 8.35 3.76
C VAL B 262 8.69 9.29 3.36
N LEU B 263 8.57 10.56 3.76
CA LEU B 263 9.68 11.50 3.59
C LEU B 263 10.94 10.90 4.16
N SER B 264 11.98 10.81 3.32
CA SER B 264 13.20 10.12 3.68
C SER B 264 14.40 10.98 3.27
N ALA B 265 15.52 10.74 3.95
CA ALA B 265 16.76 11.47 3.70
C ALA B 265 17.86 10.46 3.36
N GLY B 266 18.36 10.51 2.13
CA GLY B 266 19.42 9.63 1.69
C GLY B 266 20.75 10.37 1.62
N ILE B 267 21.85 9.63 1.81
CA ILE B 267 23.18 10.20 1.77
C ILE B 267 23.82 9.87 0.43
N ASN B 268 24.24 10.90 -0.29
CA ASN B 268 24.85 10.74 -1.60
C ASN B 268 26.05 9.79 -1.54
N ALA B 269 26.09 8.84 -2.49
CA ALA B 269 27.17 7.85 -2.49
C ALA B 269 28.54 8.50 -2.66
N ALA B 270 28.61 9.64 -3.34
CA ALA B 270 29.86 10.34 -3.61
C ALA B 270 30.22 11.38 -2.55
N SER B 271 29.44 11.50 -1.49
CA SER B 271 29.70 12.53 -0.50
C SER B 271 30.95 12.18 0.31
N PRO B 272 31.87 13.12 0.51
CA PRO B 272 32.95 12.93 1.49
C PRO B 272 32.57 13.25 2.92
N ASN B 273 31.30 13.51 3.19
CA ASN B 273 30.84 13.95 4.50
C ASN B 273 29.81 12.98 5.07
N LYS B 274 30.02 11.69 4.84
CA LYS B 274 29.02 10.70 5.24
C LYS B 274 28.85 10.66 6.75
N GLU B 275 29.95 10.75 7.50
CA GLU B 275 29.84 10.76 8.96
C GLU B 275 29.14 12.02 9.45
N LEU B 276 29.48 13.17 8.86
CA LEU B 276 28.77 14.41 9.17
C LEU B 276 27.29 14.29 8.89
N ALA B 277 26.93 13.75 7.72
CA ALA B 277 25.51 13.60 7.37
C ALA B 277 24.80 12.69 8.35
N LYS B 278 25.44 11.57 8.72
CA LYS B 278 24.86 10.67 9.72
C LYS B 278 24.70 11.38 11.05
N GLU B 279 25.73 12.12 11.48
CA GLU B 279 25.67 12.90 12.71
C GLU B 279 24.52 13.90 12.69
N PHE B 280 24.42 14.67 11.61
CA PHE B 280 23.32 15.63 11.48
C PHE B 280 21.97 14.94 11.54
N LEU B 281 21.80 13.87 10.75
CA LEU B 281 20.49 13.24 10.63
C LEU B 281 20.08 12.53 11.92
N GLU B 282 20.99 11.77 12.53
CA GLU B 282 20.60 10.98 13.69
C GLU B 282 20.47 11.87 14.92
N ASN B 283 21.46 12.73 15.16
CA ASN B 283 21.55 13.43 16.43
C ASN B 283 20.96 14.83 16.42
N TYR B 284 20.63 15.35 15.25
CA TYR B 284 20.13 16.75 15.22
C TYR B 284 18.71 16.78 14.65
N LEU B 285 18.50 16.18 13.49
CA LEU B 285 17.15 16.26 12.86
C LEU B 285 16.21 15.25 13.51
N LEU B 286 16.63 13.99 13.60
CA LEU B 286 15.72 12.97 14.11
C LEU B 286 15.67 13.02 15.64
N THR B 287 15.23 14.17 16.13
CA THR B 287 15.02 14.42 17.55
C THR B 287 13.73 15.20 17.72
N ASP B 288 13.20 15.18 18.94
CA ASP B 288 12.03 16.01 19.24
C ASP B 288 12.26 17.45 18.84
N GLU B 289 13.41 18.00 19.19
CA GLU B 289 13.71 19.40 18.87
C GLU B 289 13.88 19.59 17.37
N GLY B 290 14.67 18.73 16.73
CA GLY B 290 14.90 18.88 15.30
C GLY B 290 13.62 18.79 14.49
N LEU B 291 12.81 17.77 14.76
CA LEU B 291 11.57 17.58 14.01
C LEU B 291 10.58 18.70 14.29
N GLU B 292 10.47 19.12 15.55
CA GLU B 292 9.59 20.24 15.87
C GLU B 292 9.99 21.50 15.10
N ALA B 293 11.30 21.75 14.99
CA ALA B 293 11.74 22.91 14.24
C ALA B 293 11.22 22.86 12.80
N VAL B 294 11.33 21.69 12.17
CA VAL B 294 10.84 21.53 10.81
C VAL B 294 9.31 21.55 10.78
N ASN B 295 8.68 20.94 11.78
CA ASN B 295 7.23 20.85 11.77
C ASN B 295 6.56 22.22 11.93
N LYS B 296 7.15 23.13 12.71
CA LYS B 296 6.57 24.46 12.88
C LYS B 296 6.67 25.27 11.61
N ASP B 297 7.67 24.99 10.77
CA ASP B 297 7.70 25.60 9.44
C ASP B 297 6.62 25.01 8.54
N LYS B 298 6.72 23.73 8.25
CA LYS B 298 5.70 23.06 7.44
C LYS B 298 5.48 21.67 8.06
N PRO B 299 4.25 21.37 8.48
CA PRO B 299 3.99 20.08 9.15
C PRO B 299 4.48 18.89 8.34
N LEU B 300 5.13 17.93 8.99
CA LEU B 300 5.74 16.81 8.27
C LEU B 300 4.79 15.63 8.13
N GLY B 301 3.70 15.62 8.89
CA GLY B 301 2.83 14.47 8.90
C GLY B 301 3.04 13.66 10.17
N ALA B 302 2.80 12.36 10.10
CA ALA B 302 3.08 11.48 11.24
C ALA B 302 4.57 11.14 11.20
N VAL B 303 5.33 11.68 12.15
CA VAL B 303 6.79 11.56 12.10
C VAL B 303 7.20 10.16 12.50
N ALA B 304 8.35 9.72 11.99
CA ALA B 304 8.82 8.36 12.27
C ALA B 304 9.32 8.23 13.69
N LEU B 305 9.74 9.33 14.31
CA LEU B 305 10.26 9.32 15.68
C LEU B 305 9.13 9.07 16.66
N LYS B 306 9.19 7.92 17.37
CA LYS B 306 8.09 7.50 18.24
C LYS B 306 7.77 8.55 19.30
N SER B 307 8.80 9.08 19.98
CA SER B 307 8.59 10.00 21.10
C SER B 307 7.79 11.23 20.66
N TYR B 308 8.08 11.76 19.48
CA TYR B 308 7.39 12.94 18.99
C TYR B 308 6.06 12.57 18.34
N GLU B 309 5.97 11.37 17.78
CA GLU B 309 4.72 10.96 17.11
C GLU B 309 3.62 10.81 18.15
N GLU B 310 3.97 10.32 19.34
CA GLU B 310 2.94 10.11 20.35
C GLU B 310 2.19 11.39 20.67
N GLU B 311 2.89 12.52 20.65
CA GLU B 311 2.24 13.81 20.87
C GLU B 311 1.41 14.23 19.66
N LEU B 312 2.04 14.28 18.48
CA LEU B 312 1.34 14.75 17.27
C LEU B 312 0.13 13.90 16.94
N ALA B 313 0.15 12.59 17.27
CA ALA B 313 -0.94 11.68 16.95
C ALA B 313 -2.28 12.17 17.47
N LYS B 314 -2.28 12.89 18.60
CA LYS B 314 -3.52 13.39 19.17
C LYS B 314 -4.13 14.52 18.35
N ASP B 315 -3.39 15.10 17.41
CA ASP B 315 -3.90 16.14 16.55
C ASP B 315 -4.98 15.57 15.63
N PRO B 316 -6.20 16.11 15.62
CA PRO B 316 -7.22 15.64 14.67
C PRO B 316 -6.74 15.58 13.23
N ARG B 317 -5.90 16.53 12.81
CA ARG B 317 -5.44 16.55 11.43
C ARG B 317 -4.49 15.39 11.16
N ILE B 318 -3.65 15.06 12.13
CA ILE B 318 -2.79 13.88 11.99
C ILE B 318 -3.64 12.60 12.03
N ALA B 319 -4.70 12.60 12.83
CA ALA B 319 -5.61 11.46 12.84
C ALA B 319 -6.27 11.30 11.48
N ALA B 320 -6.70 12.40 10.88
CA ALA B 320 -7.25 12.35 9.53
C ALA B 320 -6.20 11.90 8.53
N THR B 321 -4.96 12.38 8.69
CA THR B 321 -3.88 11.98 7.79
C THR B 321 -3.66 10.47 7.80
N MET B 322 -3.61 9.87 9.00
CA MET B 322 -3.36 8.43 9.11
C MET B 322 -4.57 7.60 8.70
N GLU B 323 -5.79 8.12 8.89
CA GLU B 323 -6.95 7.39 8.42
C GLU B 323 -6.92 7.25 6.89
N ASN B 324 -6.59 8.34 6.19
CA ASN B 324 -6.45 8.25 4.75
C ASN B 324 -5.28 7.34 4.36
N ALA B 325 -4.15 7.46 5.07
CA ALA B 325 -3.04 6.56 4.81
C ALA B 325 -3.46 5.10 4.99
N GLN B 326 -4.19 4.79 6.06
CA GLN B 326 -4.61 3.42 6.29
C GLN B 326 -5.60 2.92 5.26
N LYS B 327 -6.31 3.82 4.57
CA LYS B 327 -7.20 3.39 3.51
C LYS B 327 -6.49 3.33 2.17
N GLY B 328 -5.36 4.03 2.06
CA GLY B 328 -4.56 4.00 0.84
C GLY B 328 -3.40 3.07 0.98
N GLU B 329 -2.32 3.29 0.23
CA GLU B 329 -1.26 2.25 0.32
C GLU B 329 0.12 2.85 0.30
N ILE B 330 1.02 2.29 1.11
CA ILE B 330 2.42 2.77 1.09
C ILE B 330 3.02 2.42 -0.27
N MET B 331 3.56 3.41 -0.95
CA MET B 331 4.14 3.27 -2.27
C MET B 331 5.26 2.23 -2.25
N PRO B 332 5.43 1.47 -3.35
CA PRO B 332 6.56 0.60 -3.46
C PRO B 332 7.77 1.52 -3.69
N ASN B 333 8.95 1.07 -3.27
CA ASN B 333 10.16 1.85 -3.51
C ASN B 333 10.95 1.34 -4.71
N ILE B 334 10.36 0.47 -5.52
CA ILE B 334 11.07 -0.23 -6.60
C ILE B 334 11.46 0.74 -7.70
N PRO B 335 12.52 0.45 -8.47
CA PRO B 335 12.95 1.38 -9.54
C PRO B 335 11.87 1.73 -10.55
N GLN B 336 10.90 0.84 -10.78
CA GLN B 336 9.93 1.07 -11.85
C GLN B 336 8.86 2.10 -11.48
N MET B 337 8.92 2.67 -10.27
CA MET B 337 7.90 3.62 -9.84
C MET B 337 7.94 4.91 -10.65
N SER B 338 9.13 5.35 -11.09
CA SER B 338 9.18 6.59 -11.86
C SER B 338 8.60 6.40 -13.25
N ALA B 339 8.77 5.22 -13.83
CA ALA B 339 8.09 4.90 -15.08
C ALA B 339 6.58 4.99 -14.88
N PHE B 340 6.07 4.33 -13.84
CA PHE B 340 4.66 4.38 -13.49
C PHE B 340 4.19 5.83 -13.33
N TRP B 341 4.91 6.61 -12.52
CA TRP B 341 4.48 7.97 -12.27
C TRP B 341 4.46 8.80 -13.55
N TYR B 342 5.47 8.61 -14.40
CA TYR B 342 5.48 9.32 -15.69
C TYR B 342 4.34 8.87 -16.58
N ALA B 343 4.10 7.56 -16.67
CA ALA B 343 2.99 7.05 -17.47
C ALA B 343 1.67 7.66 -17.03
N VAL B 344 1.42 7.66 -15.73
CA VAL B 344 0.13 8.15 -15.23
C VAL B 344 0.05 9.67 -15.33
N ARG B 345 1.18 10.37 -15.23
CA ARG B 345 1.19 11.82 -15.39
C ARG B 345 0.64 12.22 -16.76
N THR B 346 1.23 11.68 -17.83
CA THR B 346 0.79 12.02 -19.18
C THR B 346 -0.66 11.59 -19.41
N ALA B 347 -1.03 10.40 -18.90
CA ALA B 347 -2.39 9.90 -19.07
C ALA B 347 -3.43 10.87 -18.50
N VAL B 348 -3.21 11.34 -17.28
CA VAL B 348 -4.21 12.19 -16.64
C VAL B 348 -4.28 13.54 -17.33
N ILE B 349 -3.14 14.10 -17.72
CA ILE B 349 -3.12 15.41 -18.37
C ILE B 349 -3.89 15.37 -19.70
N ASN B 350 -3.58 14.39 -20.55
CA ASN B 350 -4.25 14.26 -21.83
C ASN B 350 -5.75 13.99 -21.63
N ALA B 351 -6.08 13.06 -20.73
CA ALA B 351 -7.49 12.74 -20.47
C ALA B 351 -8.25 13.95 -19.94
N ALA B 352 -7.64 14.71 -19.03
CA ALA B 352 -8.34 15.84 -18.41
C ALA B 352 -8.48 17.01 -19.37
N SER B 353 -7.53 17.18 -20.29
CA SER B 353 -7.64 18.24 -21.26
C SER B 353 -8.72 17.96 -22.31
N GLY B 354 -9.07 16.69 -22.49
CA GLY B 354 -9.97 16.30 -23.57
C GLY B 354 -9.25 15.78 -24.79
N ARG B 355 -7.93 15.89 -24.82
CA ARG B 355 -7.20 15.47 -26.04
C ARG B 355 -7.51 14.00 -26.31
N GLN B 356 -7.16 13.11 -25.38
CA GLN B 356 -7.46 11.70 -25.52
C GLN B 356 -8.67 11.30 -24.70
N THR B 357 -9.26 10.16 -25.05
CA THR B 357 -10.27 9.56 -24.20
C THR B 357 -9.61 8.82 -23.04
N VAL B 358 -10.42 8.56 -22.01
CA VAL B 358 -9.91 7.90 -20.81
C VAL B 358 -9.29 6.55 -21.16
N ASP B 359 -10.02 5.73 -21.92
CA ASP B 359 -9.52 4.39 -22.25
C ASP B 359 -8.21 4.46 -23.02
N ALA B 360 -8.15 5.31 -24.05
CA ALA B 360 -6.93 5.44 -24.84
C ALA B 360 -5.74 5.84 -23.97
N ALA B 361 -5.95 6.84 -23.10
CA ALA B 361 -4.87 7.34 -22.25
C ALA B 361 -4.33 6.26 -21.33
N LEU B 362 -5.23 5.52 -20.67
CA LEU B 362 -4.78 4.51 -19.72
C LEU B 362 -4.20 3.28 -20.42
N ALA B 363 -4.72 2.94 -21.61
CA ALA B 363 -4.11 1.89 -22.41
C ALA B 363 -2.63 2.16 -22.64
N ALA B 364 -2.30 3.37 -23.09
CA ALA B 364 -0.90 3.71 -23.32
C ALA B 364 -0.11 3.69 -22.02
N ALA B 365 -0.66 4.27 -20.96
CA ALA B 365 -0.01 4.25 -19.66
C ALA B 365 0.29 2.83 -19.22
N GLN B 366 -0.61 1.89 -19.53
CA GLN B 366 -0.42 0.50 -19.11
C GLN B 366 0.84 -0.13 -19.72
N THR B 367 1.01 0.05 -21.02
CA THR B 367 2.20 -0.49 -21.70
C THR B 367 3.45 0.21 -21.16
N ASN B 368 3.41 1.53 -21.05
CA ASN B 368 4.60 2.28 -20.63
C ASN B 368 5.01 1.86 -19.22
N ALA B 369 4.04 1.90 -18.31
CA ALA B 369 4.35 1.49 -16.92
C ALA B 369 4.84 0.04 -16.95
N ALA B 370 4.17 -0.80 -17.73
CA ALA B 370 4.54 -2.23 -17.77
C ALA B 370 5.54 -2.46 -18.89
N ALA B 371 6.83 -2.29 -18.61
CA ALA B 371 7.86 -2.55 -19.65
C ALA B 371 9.23 -2.72 -18.99
N GLU B 372 9.63 -3.96 -18.74
CA GLU B 372 11.00 -4.22 -18.21
C GLU B 372 11.82 -4.70 -19.41
N PHE B 373 11.33 -4.46 -20.62
CA PHE B 373 12.02 -4.92 -21.85
C PHE B 373 11.99 -3.83 -22.90
N ILE B 374 13.14 -3.57 -23.53
CA ILE B 374 13.21 -2.54 -24.61
C ILE B 374 12.86 -3.17 -25.96
N ASP B 375 12.51 -4.45 -25.97
CA ASP B 375 12.23 -5.10 -27.26
C ASP B 375 11.03 -4.39 -27.91
N ASN B 376 10.09 -3.88 -27.11
CA ASN B 376 8.89 -3.32 -27.71
C ASN B 376 9.13 -1.93 -28.27
N VAL B 377 9.85 -1.10 -27.51
CA VAL B 377 10.17 0.24 -28.00
C VAL B 377 11.08 0.17 -29.22
N CYS B 378 12.06 -0.75 -29.20
CA CYS B 378 12.89 -0.95 -30.39
C CYS B 378 12.08 -1.47 -31.56
N GLU B 379 11.03 -2.25 -31.28
CA GLU B 379 10.16 -2.67 -32.40
C GLU B 379 9.37 -1.46 -32.90
N LEU B 380 8.82 -0.67 -31.99
CA LEU B 380 8.10 0.53 -32.43
C LEU B 380 9.01 1.44 -33.24
N ALA B 381 10.22 1.70 -32.74
CA ALA B 381 11.16 2.55 -33.47
C ALA B 381 11.49 1.98 -34.84
N ALA B 382 11.65 0.65 -34.93
CA ALA B 382 11.95 0.03 -36.23
C ALA B 382 10.83 0.28 -37.22
N ARG B 383 9.57 0.17 -36.79
CA ARG B 383 8.45 0.47 -37.68
C ARG B 383 8.40 1.94 -38.06
N LEU B 384 8.61 2.84 -37.09
CA LEU B 384 8.61 4.26 -37.40
C LEU B 384 9.66 4.58 -38.44
N LEU B 385 10.78 3.84 -38.44
CA LEU B 385 11.80 4.01 -39.46
C LEU B 385 11.26 3.61 -40.84
N PHE B 386 10.61 2.45 -40.92
CA PHE B 386 10.00 2.04 -42.18
C PHE B 386 8.85 2.98 -42.56
N SER B 387 8.01 3.32 -41.59
CA SER B 387 6.97 4.32 -41.80
C SER B 387 7.55 5.64 -42.31
N THR B 388 8.70 6.06 -41.79
CA THR B 388 9.29 7.32 -42.20
C THR B 388 9.71 7.29 -43.66
N VAL B 389 10.41 6.23 -44.07
CA VAL B 389 10.83 6.12 -45.47
C VAL B 389 9.61 6.11 -46.38
N GLU B 390 8.67 5.19 -46.10
CA GLU B 390 7.47 5.11 -46.94
C GLU B 390 6.69 6.42 -46.96
N TRP B 391 6.71 7.18 -45.87
CA TRP B 391 6.06 8.48 -45.89
C TRP B 391 6.71 9.39 -46.93
N ALA B 392 8.03 9.56 -46.83
CA ALA B 392 8.75 10.44 -47.75
C ALA B 392 8.55 10.02 -49.20
N ARG B 393 8.63 8.72 -49.49
CA ARG B 393 8.51 8.25 -50.87
C ARG B 393 7.21 8.72 -51.51
N HIS B 394 6.17 8.82 -50.71
CA HIS B 394 4.84 9.16 -51.29
C HIS B 394 4.47 10.62 -51.01
N ALA B 395 5.34 11.35 -50.30
CA ALA B 395 5.06 12.75 -50.01
C ALA B 395 4.90 13.55 -51.30
N PRO B 396 3.96 14.50 -51.36
CA PRO B 396 3.74 15.24 -52.61
C PRO B 396 5.03 15.83 -53.15
N PHE B 397 5.26 15.62 -54.45
CA PHE B 397 6.36 16.15 -55.24
C PHE B 397 7.65 15.36 -55.04
N PHE B 398 7.72 14.48 -54.04
CA PHE B 398 8.92 13.67 -53.83
C PHE B 398 9.09 12.61 -54.92
N PRO B 399 8.07 11.83 -55.31
CA PRO B 399 8.28 10.78 -56.32
C PRO B 399 8.78 11.29 -57.66
N GLU B 400 8.53 12.56 -57.99
CA GLU B 400 8.97 13.12 -59.25
C GLU B 400 10.40 13.62 -59.20
N LEU B 401 11.04 13.61 -58.04
CA LEU B 401 12.43 14.02 -57.93
C LEU B 401 13.35 12.94 -58.51
N PRO B 402 14.49 13.34 -59.07
CA PRO B 402 15.51 12.35 -59.42
C PRO B 402 15.92 11.58 -58.18
N VAL B 403 16.31 10.31 -58.36
CA VAL B 403 16.56 9.46 -57.21
C VAL B 403 17.75 9.95 -56.40
N ALA B 404 18.76 10.53 -57.06
CA ALA B 404 19.89 11.07 -56.32
C ALA B 404 19.44 12.21 -55.40
N ASP B 405 18.51 13.04 -55.86
CA ASP B 405 17.96 14.07 -55.00
C ASP B 405 17.10 13.47 -53.88
N GLN B 406 16.33 12.41 -54.19
CA GLN B 406 15.56 11.73 -53.15
C GLN B 406 16.47 11.19 -52.06
N VAL B 407 17.55 10.51 -52.45
CA VAL B 407 18.50 9.98 -51.47
C VAL B 407 19.14 11.11 -50.67
N ALA B 408 19.56 12.19 -51.36
CA ALA B 408 20.22 13.29 -50.68
C ALA B 408 19.34 13.90 -49.59
N LEU B 409 18.04 14.08 -49.89
CA LEU B 409 17.15 14.68 -48.93
C LEU B 409 16.97 13.77 -47.71
N LEU B 410 16.70 12.48 -47.95
CA LEU B 410 16.56 11.52 -46.86
C LEU B 410 17.86 11.31 -46.10
N ARG B 411 19.00 11.46 -46.76
CA ARG B 411 20.29 11.32 -46.08
C ARG B 411 20.37 12.30 -44.91
N LEU B 412 19.99 13.56 -45.17
CA LEU B 412 20.03 14.57 -44.12
C LEU B 412 18.83 14.45 -43.19
N SER B 413 17.63 14.33 -43.73
CA SER B 413 16.43 14.61 -42.97
C SER B 413 15.75 13.39 -42.34
N TRP B 414 16.20 12.16 -42.63
CA TRP B 414 15.49 10.99 -42.10
C TRP B 414 15.36 11.04 -40.58
N SER B 415 16.43 11.43 -39.88
CA SER B 415 16.37 11.45 -38.43
C SER B 415 15.39 12.49 -37.93
N GLU B 416 15.26 13.61 -38.65
CA GLU B 416 14.28 14.62 -38.25
C GLU B 416 12.86 14.09 -38.40
N LEU B 417 12.54 13.53 -39.56
CA LEU B 417 11.25 12.91 -39.76
C LEU B 417 11.00 11.83 -38.72
N PHE B 418 12.03 11.06 -38.38
CA PHE B 418 11.88 10.02 -37.36
C PHE B 418 11.45 10.61 -36.02
N VAL B 419 12.11 11.68 -35.59
CA VAL B 419 11.77 12.28 -34.31
C VAL B 419 10.33 12.79 -34.32
N LEU B 420 9.94 13.46 -35.41
CA LEU B 420 8.54 13.86 -35.56
C LEU B 420 7.62 12.66 -35.46
N ASN B 421 7.96 11.54 -36.12
CA ASN B 421 7.14 10.34 -36.02
C ASN B 421 7.14 9.78 -34.61
N ALA B 422 8.30 9.83 -33.94
CA ALA B 422 8.36 9.32 -32.58
C ALA B 422 7.53 10.16 -31.62
N ALA B 423 7.53 11.48 -31.82
CA ALA B 423 6.67 12.36 -31.03
C ALA B 423 5.20 12.06 -31.30
N GLN B 424 4.83 12.04 -32.59
CA GLN B 424 3.46 11.72 -32.97
C GLN B 424 3.01 10.37 -32.43
N ALA B 425 3.89 9.40 -32.39
CA ALA B 425 3.50 8.05 -32.00
C ALA B 425 3.68 7.79 -30.52
N ALA B 426 4.03 8.81 -29.74
CA ALA B 426 4.33 8.67 -28.32
C ALA B 426 5.25 7.48 -28.07
N LEU B 427 6.37 7.47 -28.77
CA LEU B 427 7.42 6.48 -28.51
C LEU B 427 7.91 6.67 -27.08
N PRO B 428 7.80 5.66 -26.21
CA PRO B 428 8.24 5.85 -24.82
C PRO B 428 9.73 6.10 -24.75
N LEU B 429 10.14 7.31 -24.36
CA LEU B 429 11.54 7.68 -24.36
C LEU B 429 12.16 7.74 -22.97
N HIS B 430 11.54 7.12 -21.97
CA HIS B 430 12.10 7.11 -20.62
C HIS B 430 12.47 5.67 -20.23
N THR B 431 13.76 5.34 -20.37
CA THR B 431 14.33 4.03 -20.03
C THR B 431 15.84 4.20 -19.94
N ALA B 432 16.53 3.18 -19.41
CA ALA B 432 18.00 3.23 -19.24
C ALA B 432 18.70 3.61 -20.54
N PRO B 433 19.94 4.14 -20.48
CA PRO B 433 20.70 4.47 -21.68
C PRO B 433 21.45 3.24 -22.20
N LEU B 434 20.97 2.03 -21.87
CA LEU B 434 21.74 0.82 -22.26
C LEU B 434 23.21 1.14 -22.02
N LEU B 435 23.58 1.40 -20.75
CA LEU B 435 24.94 1.83 -20.45
C LEU B 435 25.47 2.85 -21.47
N ALA B 447 32.11 5.18 -20.14
CA ALA B 447 32.85 6.08 -21.05
C ALA B 447 33.23 7.38 -20.32
N GLU B 448 33.55 8.44 -21.07
CA GLU B 448 33.95 9.73 -20.46
C GLU B 448 32.93 10.80 -20.83
N ARG B 449 32.73 11.02 -22.13
CA ARG B 449 31.72 12.00 -22.58
C ARG B 449 30.35 11.31 -22.57
N ALA B 450 30.28 10.08 -22.06
CA ALA B 450 28.96 9.43 -21.93
C ALA B 450 27.97 10.48 -21.43
N VAL B 451 28.37 11.28 -20.44
CA VAL B 451 27.50 12.37 -19.98
C VAL B 451 26.92 13.14 -21.17
N ALA B 452 27.76 13.47 -22.17
CA ALA B 452 27.27 14.18 -23.35
C ALA B 452 26.20 13.37 -24.06
N PHE B 453 26.45 12.09 -24.30
CA PHE B 453 25.44 11.19 -24.87
C PHE B 453 24.12 11.30 -24.09
N MET B 454 24.20 11.26 -22.76
CA MET B 454 22.99 11.36 -21.94
C MET B 454 22.27 12.70 -22.14
N ASP B 455 23.02 13.78 -22.35
CA ASP B 455 22.37 15.08 -22.56
C ASP B 455 21.56 15.10 -23.86
N GLN B 456 22.07 14.47 -24.91
CA GLN B 456 21.32 14.40 -26.16
C GLN B 456 20.05 13.58 -25.98
N VAL B 457 20.09 12.59 -25.09
CA VAL B 457 18.90 11.83 -24.75
C VAL B 457 17.85 12.76 -24.14
N ARG B 458 18.27 13.63 -23.23
CA ARG B 458 17.33 14.58 -22.63
C ARG B 458 16.84 15.59 -23.65
N ALA B 459 17.72 16.06 -24.54
CA ALA B 459 17.27 16.97 -25.60
C ALA B 459 16.29 16.28 -26.53
N PHE B 460 16.48 14.99 -26.74
CA PHE B 460 15.51 14.20 -27.48
C PHE B 460 14.18 14.19 -26.75
N GLN B 461 14.19 13.82 -25.47
CA GLN B 461 12.98 13.80 -24.67
C GLN B 461 12.33 15.18 -24.61
N GLU B 462 13.13 16.22 -24.38
CA GLU B 462 12.57 17.54 -24.12
C GLU B 462 11.90 18.11 -25.37
N GLN B 463 12.48 17.86 -26.55
CA GLN B 463 11.86 18.36 -27.77
C GLN B 463 10.53 17.66 -28.02
N VAL B 464 10.46 16.36 -27.73
CA VAL B 464 9.19 15.66 -27.85
C VAL B 464 8.13 16.26 -26.92
N ASP B 465 8.52 16.58 -25.68
CA ASP B 465 7.61 17.24 -24.76
C ASP B 465 7.12 18.57 -25.32
N LYS B 466 8.06 19.38 -25.84
CA LYS B 466 7.66 20.68 -26.41
C LYS B 466 6.63 20.50 -27.52
N LEU B 467 6.77 19.44 -28.32
CA LEU B 467 5.82 19.18 -29.39
C LEU B 467 4.46 18.78 -28.81
N GLY B 468 4.44 18.01 -27.73
CA GLY B 468 3.19 17.75 -27.05
C GLY B 468 2.53 19.01 -26.53
N ARG B 469 3.30 19.84 -25.81
CA ARG B 469 2.75 21.07 -25.24
C ARG B 469 2.25 22.01 -26.33
N LEU B 470 2.87 21.99 -27.50
CA LEU B 470 2.34 22.74 -28.64
C LEU B 470 1.02 22.16 -29.12
N GLN B 471 0.74 20.91 -28.75
CA GLN B 471 -0.44 20.17 -29.23
C GLN B 471 -0.47 20.14 -30.76
N VAL B 472 0.68 19.77 -31.33
CA VAL B 472 0.79 19.63 -32.78
C VAL B 472 -0.16 18.54 -33.24
N ASP B 473 -1.05 18.88 -34.19
CA ASP B 473 -2.00 17.91 -34.70
C ASP B 473 -1.43 17.19 -35.92
N SER B 474 -2.19 16.20 -36.39
CA SER B 474 -1.69 15.35 -37.48
C SER B 474 -1.44 16.17 -38.75
N ALA B 475 -2.32 17.13 -39.06
CA ALA B 475 -2.12 17.94 -40.26
C ALA B 475 -0.82 18.74 -40.15
N GLU B 476 -0.54 19.29 -38.96
CA GLU B 476 0.69 20.05 -38.77
C GLU B 476 1.93 19.14 -38.84
N TYR B 477 1.83 17.93 -38.27
CA TYR B 477 2.91 16.95 -38.41
C TYR B 477 3.19 16.62 -39.86
N GLY B 478 2.14 16.52 -40.68
CA GLY B 478 2.35 16.29 -42.10
C GLY B 478 3.14 17.40 -42.75
N CYS B 479 2.79 18.65 -42.44
CA CYS B 479 3.49 19.78 -43.05
C CYS B 479 4.91 19.89 -42.53
N LEU B 480 5.09 19.76 -41.21
CA LEU B 480 6.42 19.85 -40.64
C LEU B 480 7.35 18.79 -41.23
N LYS B 481 6.84 17.58 -41.46
CA LYS B 481 7.64 16.54 -42.09
C LYS B 481 8.05 16.93 -43.51
N ALA B 482 7.14 17.58 -44.26
CA ALA B 482 7.49 17.99 -45.61
C ALA B 482 8.48 19.14 -45.60
N ILE B 483 8.33 20.09 -44.67
CA ILE B 483 9.27 21.20 -44.59
C ILE B 483 10.67 20.67 -44.23
N ALA B 484 10.73 19.64 -43.39
CA ALA B 484 12.03 19.06 -43.02
C ALA B 484 12.61 18.24 -44.17
N LEU B 485 11.75 17.55 -44.90
CA LEU B 485 12.20 16.68 -45.99
C LEU B 485 12.80 17.49 -47.13
N PHE B 486 12.10 18.53 -47.58
CA PHE B 486 12.52 19.33 -48.73
C PHE B 486 13.50 20.43 -48.31
N THR B 487 14.59 20.01 -47.68
CA THR B 487 15.50 21.04 -47.19
C THR B 487 16.60 21.33 -48.20
N PRO B 488 16.84 22.60 -48.57
CA PRO B 488 17.95 22.94 -49.45
C PRO B 488 19.31 22.76 -48.76
N ASP B 489 19.32 22.52 -47.46
CA ASP B 489 20.59 22.25 -46.78
C ASP B 489 21.18 20.90 -47.16
N ALA B 490 20.44 20.06 -47.88
CA ALA B 490 21.00 18.80 -48.33
C ALA B 490 22.13 19.06 -49.32
N CYS B 491 23.05 18.11 -49.41
CA CYS B 491 24.23 18.24 -50.24
C CYS B 491 24.01 17.55 -51.58
N GLY B 492 24.54 18.15 -52.64
CA GLY B 492 24.52 17.50 -53.93
C GLY B 492 23.17 17.43 -54.60
N LEU B 493 22.31 18.40 -54.36
CA LEU B 493 21.04 18.46 -55.10
C LEU B 493 21.30 18.92 -56.52
N SER B 494 20.61 18.29 -57.48
CA SER B 494 20.74 18.72 -58.86
C SER B 494 20.08 20.06 -59.11
N ASP B 495 18.95 20.32 -58.44
CA ASP B 495 18.17 21.54 -58.65
C ASP B 495 17.80 22.09 -57.28
N PRO B 496 18.74 22.74 -56.59
CA PRO B 496 18.42 23.29 -55.27
C PRO B 496 17.28 24.28 -55.28
N ALA B 497 17.10 25.04 -56.37
CA ALA B 497 15.98 25.97 -56.44
C ALA B 497 14.65 25.23 -56.46
N HIS B 498 14.58 24.11 -57.19
CA HIS B 498 13.35 23.33 -57.24
C HIS B 498 12.94 22.86 -55.86
N VAL B 499 13.91 22.48 -55.02
CA VAL B 499 13.60 21.97 -53.69
C VAL B 499 13.14 23.09 -52.77
N GLU B 500 13.72 24.29 -52.94
CA GLU B 500 13.27 25.45 -52.18
C GLU B 500 11.81 25.77 -52.48
N SER B 501 11.40 25.72 -53.76
CA SER B 501 10.01 25.97 -54.08
C SER B 501 9.10 24.85 -53.57
N LEU B 502 9.62 23.62 -53.44
CA LEU B 502 8.85 22.57 -52.80
C LEU B 502 8.69 22.83 -51.32
N GLN B 503 9.76 23.29 -50.66
CA GLN B 503 9.66 23.63 -49.26
C GLN B 503 8.69 24.78 -49.02
N GLU B 504 8.62 25.71 -49.98
CA GLU B 504 7.71 26.84 -49.86
C GLU B 504 6.25 26.41 -49.96
N LYS B 505 5.95 25.46 -50.86
CA LYS B 505 4.60 24.91 -50.92
C LYS B 505 4.19 24.31 -49.57
N ALA B 506 5.10 23.59 -48.92
CA ALA B 506 4.77 23.05 -47.61
C ALA B 506 4.68 24.16 -46.56
N GLN B 507 5.52 25.18 -46.68
CA GLN B 507 5.44 26.32 -45.78
C GLN B 507 4.11 27.06 -45.94
N VAL B 508 3.71 27.33 -47.18
CA VAL B 508 2.43 27.99 -47.44
C VAL B 508 1.28 27.12 -46.94
N ALA B 509 1.37 25.81 -47.16
CA ALA B 509 0.33 24.90 -46.69
C ALA B 509 0.14 25.00 -45.18
N LEU B 510 1.25 25.04 -44.44
CA LEU B 510 1.15 25.15 -43.00
C LEU B 510 0.62 26.51 -42.59
N THR B 511 0.99 27.56 -43.33
CA THR B 511 0.48 28.90 -43.04
C THR B 511 -1.04 28.95 -43.19
N GLU B 512 -1.56 28.48 -44.33
CA GLU B 512 -3.00 28.51 -44.53
C GLU B 512 -3.72 27.65 -43.50
N TYR B 513 -3.14 26.52 -43.11
CA TYR B 513 -3.83 25.64 -42.17
C TYR B 513 -4.03 26.31 -40.81
N VAL B 514 -2.95 26.79 -40.20
CA VAL B 514 -3.04 27.34 -38.84
C VAL B 514 -3.86 28.62 -38.82
N ARG B 515 -3.74 29.42 -39.89
CA ARG B 515 -4.54 30.64 -39.98
C ARG B 515 -6.03 30.31 -39.96
N ALA B 516 -6.41 29.21 -40.61
CA ALA B 516 -7.80 28.75 -40.59
C ALA B 516 -8.13 28.00 -39.31
N GLN B 517 -7.25 27.08 -38.89
CA GLN B 517 -7.59 26.15 -37.81
C GLN B 517 -7.36 26.74 -36.42
N TYR B 518 -6.46 27.72 -36.29
CA TYR B 518 -6.13 28.32 -35.00
C TYR B 518 -6.08 29.83 -35.14
N PRO B 519 -7.20 30.45 -35.55
CA PRO B 519 -7.16 31.90 -35.82
C PRO B 519 -6.85 32.73 -34.58
N SER B 520 -7.13 32.21 -33.39
CA SER B 520 -6.82 32.88 -32.14
C SER B 520 -5.36 32.77 -31.74
N GLN B 521 -4.56 31.97 -32.45
CA GLN B 521 -3.11 31.91 -32.24
C GLN B 521 -2.39 32.45 -33.47
N PRO B 522 -2.24 33.78 -33.64
CA PRO B 522 -1.64 34.31 -34.86
C PRO B 522 -0.15 33.93 -34.99
N GLN B 523 0.50 33.47 -34.03
CA GLN B 523 1.95 33.18 -34.12
C GLN B 523 2.19 31.68 -34.08
N ARG B 524 1.16 30.88 -34.33
CA ARG B 524 1.36 29.44 -34.29
C ARG B 524 2.30 28.97 -35.41
N PHE B 525 2.11 29.48 -36.63
CA PHE B 525 3.01 29.15 -37.74
C PHE B 525 4.47 29.30 -37.32
N GLY B 526 4.86 30.51 -36.91
CA GLY B 526 6.24 30.72 -36.48
C GLY B 526 6.67 29.80 -35.36
N ARG B 527 5.82 29.66 -34.33
CA ARG B 527 6.15 28.79 -33.20
C ARG B 527 6.42 27.35 -33.63
N LEU B 528 5.71 26.89 -34.66
CA LEU B 528 5.92 25.53 -35.17
C LEU B 528 7.26 25.43 -35.90
N LEU B 529 7.57 26.40 -36.77
CA LEU B 529 8.86 26.38 -37.44
C LEU B 529 10.00 26.50 -36.44
N LEU B 530 9.74 27.10 -35.28
CA LEU B 530 10.85 27.32 -34.31
C LEU B 530 11.20 26.01 -33.60
N ARG B 531 10.46 24.94 -33.87
CA ARG B 531 10.83 23.64 -33.33
C ARG B 531 11.81 22.87 -34.21
N LEU B 532 11.95 23.28 -35.48
CA LEU B 532 12.80 22.60 -36.45
C LEU B 532 14.29 22.62 -36.10
N PRO B 533 14.85 23.73 -35.60
CA PRO B 533 16.28 23.71 -35.22
C PRO B 533 16.63 22.63 -34.21
N ALA B 534 15.72 22.28 -33.31
CA ALA B 534 15.98 21.19 -32.39
C ALA B 534 15.85 19.84 -33.07
N LEU B 535 15.08 19.76 -34.16
CA LEU B 535 14.99 18.53 -34.93
C LEU B 535 16.35 18.13 -35.49
N ARG B 536 17.07 19.09 -36.04
CA ARG B 536 18.37 18.73 -36.67
C ARG B 536 19.39 18.41 -35.59
N ALA B 537 19.23 18.96 -34.38
CA ALA B 537 20.23 18.77 -33.34
C ALA B 537 20.23 17.35 -32.82
N VAL B 538 19.11 16.65 -32.89
CA VAL B 538 19.09 15.23 -32.54
C VAL B 538 19.93 14.48 -33.59
N PRO B 539 21.09 13.95 -33.22
CA PRO B 539 21.95 13.31 -34.22
C PRO B 539 21.36 11.97 -34.66
N ALA B 540 21.57 11.66 -35.94
CA ALA B 540 21.12 10.37 -36.46
C ALA B 540 21.82 9.22 -35.76
N SER B 541 23.04 9.43 -35.25
CA SER B 541 23.74 8.37 -34.54
C SER B 541 23.05 8.03 -33.23
N LEU B 542 22.39 9.01 -32.61
CA LEU B 542 21.70 8.74 -31.35
C LEU B 542 20.52 7.80 -31.55
N ILE B 543 19.79 7.98 -32.65
CA ILE B 543 18.67 7.10 -32.93
C ILE B 543 19.15 5.66 -33.12
N SER B 544 20.20 5.47 -33.91
CA SER B 544 20.77 4.13 -34.09
C SER B 544 21.27 3.55 -32.77
N GLN B 545 21.99 4.34 -31.97
CA GLN B 545 22.54 3.86 -30.72
C GLN B 545 21.44 3.36 -29.80
N LEU B 546 20.29 4.03 -29.80
CA LEU B 546 19.24 3.70 -28.86
C LEU B 546 18.29 2.62 -29.34
N PHE B 547 18.20 2.38 -30.64
CA PHE B 547 17.13 1.49 -31.11
C PHE B 547 17.60 0.43 -32.08
N PHE B 548 18.61 0.73 -32.89
CA PHE B 548 18.94 -0.12 -34.02
C PHE B 548 20.35 -0.69 -33.96
N MET B 549 21.14 -0.36 -32.92
CA MET B 549 22.49 -0.89 -32.84
C MET B 549 22.49 -2.41 -32.80
N ARG B 550 21.58 -3.00 -32.04
CA ARG B 550 21.53 -4.45 -31.93
C ARG B 550 21.20 -5.11 -33.27
N LEU B 551 20.47 -4.42 -34.14
CA LEU B 551 20.00 -5.02 -35.39
C LEU B 551 20.94 -4.77 -36.57
N VAL B 552 21.54 -3.58 -36.67
CA VAL B 552 22.36 -3.23 -37.83
C VAL B 552 23.80 -2.95 -37.45
N GLY B 553 24.15 -3.07 -36.17
CA GLY B 553 25.47 -2.74 -35.67
C GLY B 553 26.05 -1.45 -36.19
N LYS B 554 27.25 -1.52 -36.76
CA LYS B 554 27.95 -0.33 -37.24
C LYS B 554 27.29 0.32 -38.45
N THR B 555 26.48 -0.43 -39.21
CA THR B 555 26.00 0.05 -40.49
C THR B 555 25.13 1.30 -40.31
N PRO B 556 25.38 2.37 -41.06
CA PRO B 556 24.59 3.59 -40.91
C PRO B 556 23.22 3.46 -41.59
N ILE B 557 22.21 3.99 -40.91
CA ILE B 557 20.84 3.92 -41.41
C ILE B 557 20.72 4.56 -42.79
N GLU B 558 21.50 5.63 -43.03
CA GLU B 558 21.45 6.34 -44.31
C GLU B 558 21.66 5.42 -45.50
N THR B 559 22.65 4.53 -45.43
CA THR B 559 22.92 3.66 -46.57
C THR B 559 21.86 2.57 -46.70
N LEU B 560 21.25 2.14 -45.59
CA LEU B 560 20.13 1.21 -45.68
C LEU B 560 18.94 1.88 -46.36
N ILE B 561 18.71 3.17 -46.08
CA ILE B 561 17.61 3.88 -46.72
C ILE B 561 17.88 4.04 -48.22
N ARG B 562 19.10 4.41 -48.59
CA ARG B 562 19.46 4.46 -50.00
C ARG B 562 19.12 3.17 -50.72
N ASP B 563 19.39 2.02 -50.07
CA ASP B 563 19.02 0.72 -50.64
C ASP B 563 17.53 0.65 -50.91
N MET B 564 16.74 1.04 -49.91
CA MET B 564 15.27 0.95 -50.07
C MET B 564 14.85 1.78 -51.29
N LEU B 565 15.23 3.04 -51.31
CA LEU B 565 14.84 3.92 -52.41
C LEU B 565 15.20 3.30 -53.76
N LEU B 566 16.37 2.67 -53.87
CA LEU B 566 16.79 2.10 -55.13
C LEU B 566 16.35 0.65 -55.30
N SER B 567 15.58 0.10 -54.35
CA SER B 567 15.06 -1.24 -54.45
C SER B 567 13.74 -1.29 -55.22
N GLY B 568 12.82 -0.39 -54.87
CA GLY B 568 11.49 -0.39 -55.44
C GLY B 568 10.52 -0.96 -54.43
N ASP C 1 -3.39 -0.50 31.02
CA ASP C 1 -3.44 -1.95 30.73
C ASP C 1 -4.68 -2.56 31.38
N TYR C 2 -5.86 -2.20 30.89
CA TYR C 2 -7.11 -2.78 31.39
C TYR C 2 -7.41 -2.37 32.83
N LYS C 3 -7.04 -1.14 33.17
CA LYS C 3 -7.24 -0.65 34.56
C LYS C 3 -8.74 -0.52 34.85
N PHE C 4 -9.46 0.26 34.05
CA PHE C 4 -10.85 0.50 34.39
C PHE C 4 -11.71 -0.73 34.13
N SER C 5 -11.25 -1.66 33.30
CA SER C 5 -11.91 -2.94 33.20
C SER C 5 -11.84 -3.70 34.52
N THR C 6 -10.65 -3.74 35.15
CA THR C 6 -10.54 -4.42 36.43
C THR C 6 -11.28 -3.65 37.52
N LEU C 7 -11.21 -2.32 37.47
CA LEU C 7 -12.02 -1.54 38.44
C LEU C 7 -13.45 -2.03 38.35
N LEU C 8 -14.02 -2.02 37.15
CA LEU C 8 -15.40 -2.45 36.98
C LEU C 8 -15.60 -3.86 37.53
N MET C 9 -14.59 -4.74 37.36
CA MET C 9 -14.69 -6.09 37.90
C MET C 9 -14.72 -6.09 39.43
N MET C 10 -13.96 -5.20 40.07
CA MET C 10 -13.96 -5.12 41.52
C MET C 10 -15.33 -4.67 42.03
N LEU C 11 -15.92 -3.67 41.38
CA LEU C 11 -17.30 -3.28 41.69
C LEU C 11 -18.26 -4.47 41.59
N LYS C 12 -18.10 -5.27 40.54
CA LYS C 12 -18.98 -6.46 40.41
C LYS C 12 -18.74 -7.38 41.61
N ASP C 13 -17.49 -7.73 41.90
CA ASP C 13 -17.23 -8.67 42.98
C ASP C 13 -17.72 -8.13 44.32
N MET C 14 -17.39 -6.86 44.62
CA MET C 14 -17.88 -6.20 45.82
C MET C 14 -19.39 -6.37 45.97
N HIS C 15 -20.11 -6.11 44.88
CA HIS C 15 -21.58 -6.24 44.90
C HIS C 15 -21.96 -7.71 45.14
N ASP C 16 -21.28 -8.63 44.47
CA ASP C 16 -21.66 -10.07 44.56
C ASP C 16 -21.40 -10.54 45.99
N SER C 17 -20.23 -10.22 46.53
CA SER C 17 -19.93 -10.56 47.94
C SER C 17 -21.02 -9.98 48.84
N LYS C 18 -21.88 -9.12 48.26
CA LYS C 18 -22.97 -8.46 49.03
C LYS C 18 -22.36 -7.38 49.92
N ASP D 1 5.45 -10.47 -34.61
CA ASP D 1 5.80 -10.15 -33.24
C ASP D 1 6.91 -9.08 -33.20
N TYR D 2 8.13 -9.51 -33.51
CA TYR D 2 9.27 -8.61 -33.73
C TYR D 2 9.42 -8.31 -35.21
N LYS D 3 8.28 -8.06 -35.86
CA LYS D 3 8.19 -7.97 -37.31
C LYS D 3 9.18 -6.98 -37.89
N PHE D 4 9.11 -5.72 -37.47
CA PHE D 4 9.93 -4.69 -38.09
C PHE D 4 11.38 -4.72 -37.61
N SER D 5 11.66 -5.36 -36.47
CA SER D 5 13.06 -5.64 -36.13
C SER D 5 13.68 -6.60 -37.13
N THR D 6 12.97 -7.68 -37.45
CA THR D 6 13.49 -8.65 -38.41
C THR D 6 13.56 -8.05 -39.80
N LEU D 7 12.61 -7.17 -40.12
CA LEU D 7 12.67 -6.46 -41.41
C LEU D 7 14.01 -5.72 -41.47
N LEU D 8 14.32 -4.97 -40.42
CA LEU D 8 15.58 -4.24 -40.37
C LEU D 8 16.79 -5.17 -40.45
N MET D 9 16.71 -6.32 -39.80
CA MET D 9 17.83 -7.30 -39.86
C MET D 9 18.05 -7.73 -41.31
N MET D 10 16.97 -8.02 -42.02
CA MET D 10 17.10 -8.49 -43.43
C MET D 10 17.80 -7.38 -44.21
N LEU D 11 17.31 -6.15 -44.13
CA LEU D 11 17.98 -5.00 -44.80
C LEU D 11 19.47 -5.07 -44.47
N LYS D 12 19.81 -5.24 -43.20
CA LYS D 12 21.20 -5.38 -42.79
C LYS D 12 21.91 -6.47 -43.60
N ASP D 13 21.37 -7.68 -43.60
CA ASP D 13 22.05 -8.81 -44.23
C ASP D 13 22.16 -8.63 -45.74
N MET D 14 21.06 -8.24 -46.37
CA MET D 14 21.14 -7.96 -47.82
C MET D 14 22.33 -7.03 -48.06
N HIS D 15 22.34 -5.87 -47.40
CA HIS D 15 23.43 -4.92 -47.60
C HIS D 15 24.78 -5.58 -47.41
N ASP D 16 24.89 -6.52 -46.46
CA ASP D 16 26.16 -7.13 -46.13
C ASP D 16 26.66 -8.03 -47.27
N SER D 17 25.76 -8.82 -47.86
CA SER D 17 26.19 -9.64 -48.99
C SER D 17 26.55 -8.82 -50.22
N LYS D 18 26.18 -7.53 -50.21
CA LYS D 18 26.54 -6.63 -51.33
C LYS D 18 26.78 -7.45 -52.59
C1 GLC E . 2.24 -27.60 7.66
C2 GLC E . 2.71 -26.20 7.31
C3 GLC E . 2.31 -25.20 8.36
C4 GLC E . 0.81 -25.30 8.63
C5 GLC E . 0.40 -26.73 8.94
C6 GLC E . -1.10 -26.90 9.05
O1 GLC E . 2.90 -28.04 8.79
O2 GLC E . 4.12 -26.21 7.18
O3 GLC E . 2.64 -23.90 7.91
O4 GLC E . 0.53 -24.51 9.78
O5 GLC E . 0.82 -27.59 7.87
O6 GLC E . -1.43 -28.18 9.57
H1 GLC E . 2.44 -28.20 6.91
H2 GLC E . 2.31 -25.95 6.46
H3 GLC E . 2.79 -25.39 9.20
H4 GLC E . 0.30 -24.96 7.84
H5 GLC E . 0.82 -27.01 9.77
H61 GLC E . -1.45 -26.20 9.64
H62 GLC E . -1.51 -26.79 8.16
HO1 GLC E . 3.62 -27.59 8.86
HO2 GLC E . 4.42 -25.43 7.31
HO3 GLC E . 2.50 -23.34 8.53
HO6 GLC E . -1.22 -28.77 9.00
C1 GLC E . 0.00 -23.24 9.57
C2 GLC E . 0.59 -22.32 10.63
C3 GLC E . 0.12 -22.77 11.99
C4 GLC E . -1.39 -22.80 12.02
C5 GLC E . -1.90 -23.72 10.94
C6 GLC E . -3.40 -23.73 10.83
O2 GLC E . 2.01 -22.34 10.54
O3 GLC E . 0.63 -21.90 13.00
O4 GLC E . -1.83 -23.27 13.29
O5 GLC E . -1.41 -23.27 9.66
O6 GLC E . -3.86 -24.95 10.26
H1 GLC E . 0.27 -22.92 8.68
H2 GLC E . 0.28 -21.40 10.48
H3 GLC E . 0.46 -23.68 12.16
H4 GLC E . -1.73 -21.89 11.87
H5 GLC E . -1.58 -24.63 11.10
H61 GLC E . -3.80 -23.63 11.71
H62 GLC E . -3.70 -22.98 10.27
HO2 GLC E . 2.28 -23.14 10.68
HO3 GLC E . 1.36 -21.59 12.73
HO4 GLC E . -2.12 -24.06 13.22
HO6 GLC E . -3.54 -25.61 10.69
C1 GLC F . 4.56 16.02 -2.41
C2 GLC F . 4.80 14.63 -1.85
C3 GLC F . 5.46 13.72 -2.85
C4 GLC F . 4.66 13.74 -4.14
C5 GLC F . 4.49 15.15 -4.66
C6 GLC F . 3.63 15.22 -5.89
O1 GLC F . 5.78 16.65 -2.59
O2 GLC F . 5.61 14.71 -0.68
O3 GLC F . 5.56 12.41 -2.33
O4 GLC F . 5.37 12.98 -5.11
O5 GLC F . 3.85 15.96 -3.65
O6 GLC F . 3.22 16.55 -6.15
H1 GLC F . 4.02 16.54 -1.76
H2 GLC F . 3.92 14.24 -1.60
H3 GLC F . 6.37 14.07 -3.04
H4 GLC F . 3.76 13.33 -3.97
H5 GLC F . 5.37 15.53 -4.85
H61 GLC F . 2.83 14.66 -5.75
H62 GLC F . 4.14 14.87 -6.65
HO1 GLC F . 5.68 17.48 -2.49
HO2 GLC F . 5.11 14.78 -0.01
HO3 GLC F . 4.85 12.00 -2.51
HO6 GLC F . 2.97 16.92 -5.43
C1 GLC F . 4.90 11.68 -5.36
C2 GLC F . 6.11 10.78 -5.50
C3 GLC F . 6.91 11.21 -6.69
C4 GLC F . 6.04 11.24 -7.92
C5 GLC F . 4.84 12.13 -7.70
C6 GLC F . 3.87 12.11 -8.84
O2 GLC F . 6.87 10.83 -4.30
O3 GLC F . 8.01 10.30 -6.88
O4 GLC F . 6.80 11.74 -9.03
O5 GLC F . 4.13 11.68 -6.54
O6 GLC F . 2.71 12.89 -8.54
H1 GLC F . 4.34 11.38 -4.60
H2 GLC F . 5.79 9.85 -5.63
H3 GLC F . 7.28 12.11 -6.52
H4 GLC F . 5.73 10.34 -8.13
H5 GLC F . 5.15 13.07 -7.54
H61 GLC F . 4.30 12.48 -9.64
H62 GLC F . 3.60 11.19 -9.02
HO2 GLC F . 6.87 11.62 -4.01
HO3 GLC F . 7.69 9.52 -6.94
HO4 GLC F . 6.63 12.56 -9.13
HO6 GLC F . 2.84 13.31 -7.81
#